data_8GQZ
#
_entry.id   8GQZ
#
_cell.length_a   62.328
_cell.length_b   102.398
_cell.length_c   146.870
_cell.angle_alpha   90.000
_cell.angle_beta   90.000
_cell.angle_gamma   90.000
#
_symmetry.space_group_name_H-M   'P 21 21 21'
#
loop_
_entity.id
_entity.type
_entity.pdbx_description
1 polymer 'Citrate synthase'
2 non-polymer 'SODIUM ION'
3 non-polymer 'CHLORIDE ION'
4 non-polymer 'ACETATE ION'
5 non-polymer GLYCEROL
6 water water
#
_entity_poly.entity_id   1
_entity_poly.type   'polypeptide(L)'
_entity_poly.pdbx_seq_one_letter_code
;MSAILSTTSKSFLSRGSTRQCQNMQKALFALLNARHYSSASEQTLKERFAEIIPAKAEEIKKFKKEHGKTVIGEVLLEQA
YGGMRGIKGLVWEGSVLDPEEGIRFRGRTIPEIQRELPKAEGSTEPLPEALFWLLLTGEIPTDAQVKALSADLAARSEIP
EHVIQLLDSLPKDLHPMAQFSIAVTALESESKFAKAYAQGVSKKEYWSYTFEDSLDLLGKLPVIASKIYRNVFKDGKITS
TDPNADYGKNLAQLLGYENKDFIDLMRLYLTIHSDHEGGNVSAHTTHLVGSALSSPYLSLAAGLNGLAGPLHGRANQEVL
EWLFKLREEVKGDYSKETIEKYLWDTLNAGRVVPGYGHAVLRKTDPRYTAQREFALKHFPDYELFKLVSTIYEVAPGVLT
KHGKTKNPWPNVDSHSGVLLQYYGLTEASFYTVLFGVARAIGVLPQLIIDRAVGAPIERPKSFSTEKYKELVKKIESKN
;
_entity_poly.pdbx_strand_id   A,B
#
# COMPACT_ATOMS: atom_id res chain seq x y z
N SER A 38 -14.88 -23.02 -38.41
CA SER A 38 -15.06 -23.82 -37.19
C SER A 38 -16.36 -23.52 -36.47
N SER A 39 -17.03 -24.57 -35.99
CA SER A 39 -18.25 -24.40 -35.21
C SER A 39 -17.94 -24.48 -33.72
N ALA A 40 -16.68 -24.35 -33.36
CA ALA A 40 -16.31 -24.25 -31.95
C ALA A 40 -16.10 -22.76 -31.61
N SER A 41 -16.48 -22.36 -30.39
CA SER A 41 -16.29 -20.98 -29.93
C SER A 41 -14.81 -20.64 -29.66
N GLU A 42 -14.46 -19.34 -29.74
CA GLU A 42 -13.11 -18.83 -29.48
C GLU A 42 -12.75 -18.95 -27.99
N GLN A 43 -11.47 -18.88 -27.70
CA GLN A 43 -11.07 -18.92 -26.29
C GLN A 43 -11.51 -17.65 -25.59
N THR A 44 -11.97 -17.82 -24.34
CA THR A 44 -12.12 -16.67 -23.45
C THR A 44 -10.77 -16.24 -22.89
N LEU A 45 -10.80 -15.10 -22.19
CA LEU A 45 -9.55 -14.59 -21.63
C LEU A 45 -8.95 -15.60 -20.65
N LYS A 46 -9.79 -16.11 -19.75
CA LYS A 46 -9.29 -17.04 -18.74
C LYS A 46 -8.68 -18.29 -19.39
N GLU A 47 -9.36 -18.80 -20.44
CA GLU A 47 -8.86 -20.01 -21.12
C GLU A 47 -7.55 -19.71 -21.83
N ARG A 48 -7.45 -18.57 -22.51
CA ARG A 48 -6.19 -18.25 -23.16
C ARG A 48 -5.06 -18.08 -22.15
N PHE A 49 -5.30 -17.33 -21.05
CA PHE A 49 -4.22 -17.20 -20.06
C PHE A 49 -3.79 -18.57 -19.50
N ALA A 50 -4.78 -19.41 -19.19
CA ALA A 50 -4.42 -20.71 -18.65
C ALA A 50 -3.57 -21.53 -19.61
N GLU A 51 -3.80 -21.32 -20.93
CA GLU A 51 -3.02 -22.06 -21.93
C GLU A 51 -1.58 -21.59 -21.99
N ILE A 52 -1.35 -20.29 -21.91
CA ILE A 52 -0.02 -19.77 -22.13
C ILE A 52 0.85 -19.58 -20.87
N ILE A 53 0.24 -19.40 -19.69
CA ILE A 53 1.04 -19.04 -18.50
C ILE A 53 2.02 -20.10 -17.98
N PRO A 54 1.73 -21.39 -18.11
CA PRO A 54 2.71 -22.38 -17.59
C PRO A 54 4.04 -22.30 -18.27
N ALA A 55 4.06 -22.18 -19.61
CA ALA A 55 5.35 -22.05 -20.23
C ALA A 55 6.06 -20.78 -19.84
N LYS A 56 5.32 -19.66 -19.65
CA LYS A 56 6.01 -18.43 -19.26
C LYS A 56 6.57 -18.55 -17.84
N ALA A 57 5.80 -19.17 -16.96
CA ALA A 57 6.24 -19.40 -15.58
C ALA A 57 7.49 -20.28 -15.58
N GLU A 58 7.50 -21.30 -16.43
CA GLU A 58 8.67 -22.15 -16.54
C GLU A 58 9.90 -21.40 -17.06
N GLU A 59 9.71 -20.48 -18.02
CA GLU A 59 10.80 -19.67 -18.51
C GLU A 59 11.35 -18.77 -17.40
N ILE A 60 10.45 -18.20 -16.56
CA ILE A 60 10.92 -17.35 -15.47
C ILE A 60 11.74 -18.17 -14.48
N LYS A 61 11.22 -19.35 -14.15
CA LYS A 61 11.90 -20.26 -13.21
C LYS A 61 13.29 -20.61 -13.71
N LYS A 62 13.41 -20.95 -14.99
CA LYS A 62 14.72 -21.27 -15.55
C LYS A 62 15.64 -20.06 -15.60
N PHE A 63 15.10 -18.88 -15.91
CA PHE A 63 15.89 -17.66 -15.94
C PHE A 63 16.51 -17.39 -14.56
N LYS A 64 15.67 -17.50 -13.52
CA LYS A 64 16.14 -17.32 -12.14
C LYS A 64 17.18 -18.34 -11.78
N LYS A 65 16.95 -19.61 -12.15
CA LYS A 65 17.95 -20.66 -11.85
C LYS A 65 19.29 -20.41 -12.52
N GLU A 66 19.28 -20.12 -13.82
CA GLU A 66 20.53 -20.02 -14.58
C GLU A 66 21.19 -18.67 -14.54
N HIS A 67 20.48 -17.60 -14.16
CA HIS A 67 21.12 -16.30 -14.18
C HIS A 67 20.89 -15.52 -12.89
N GLY A 68 20.30 -16.15 -11.88
CA GLY A 68 19.99 -15.46 -10.62
C GLY A 68 21.17 -14.84 -9.93
N LYS A 69 22.40 -15.39 -10.13
CA LYS A 69 23.56 -14.86 -9.45
C LYS A 69 24.24 -13.73 -10.22
N THR A 70 23.71 -13.35 -11.41
CA THR A 70 24.27 -12.24 -12.14
C THR A 70 23.99 -10.91 -11.45
N VAL A 71 25.01 -10.07 -11.35
CA VAL A 71 24.88 -8.74 -10.76
C VAL A 71 24.28 -7.78 -11.79
N ILE A 72 23.11 -7.22 -11.46
CA ILE A 72 22.43 -6.28 -12.37
C ILE A 72 22.51 -4.83 -11.94
N GLY A 73 23.05 -4.54 -10.77
CA GLY A 73 23.21 -3.17 -10.33
C GLY A 73 23.94 -3.09 -9.02
N GLU A 74 24.24 -1.86 -8.61
CA GLU A 74 24.84 -1.56 -7.32
C GLU A 74 23.85 -0.69 -6.59
N VAL A 75 23.77 -0.85 -5.27
CA VAL A 75 23.02 0.04 -4.41
C VAL A 75 23.99 1.04 -3.78
N LEU A 76 23.74 2.33 -3.99
CA LEU A 76 24.48 3.41 -3.35
C LEU A 76 23.74 3.86 -2.11
N LEU A 77 24.47 4.39 -1.16
CA LEU A 77 23.85 4.93 0.04
C LEU A 77 22.78 5.95 -0.34
N GLU A 78 23.04 6.77 -1.38
CA GLU A 78 22.06 7.80 -1.73
C GLU A 78 20.74 7.19 -2.24
N GLN A 79 20.76 5.95 -2.70
CA GLN A 79 19.50 5.29 -3.13
C GLN A 79 18.70 4.86 -1.93
N ALA A 80 19.32 4.36 -0.88
CA ALA A 80 18.52 4.01 0.31
C ALA A 80 17.91 5.26 0.92
N TYR A 81 18.61 6.43 0.85
CA TYR A 81 18.08 7.69 1.33
C TYR A 81 17.36 8.46 0.23
N GLY A 82 17.10 7.84 -0.89
CA GLY A 82 16.52 8.49 -2.07
C GLY A 82 15.37 7.72 -2.65
N GLY A 83 14.59 7.11 -1.76
CA GLY A 83 13.39 6.41 -2.26
C GLY A 83 13.65 5.21 -3.14
N MET A 84 14.83 4.59 -3.08
CA MET A 84 15.18 3.46 -3.93
CA MET A 84 15.15 3.46 -3.94
C MET A 84 15.25 3.83 -5.41
N ARG A 85 15.43 5.14 -5.70
CA ARG A 85 15.42 5.57 -7.10
C ARG A 85 16.50 4.87 -7.88
N GLY A 86 16.14 4.23 -8.99
CA GLY A 86 17.13 3.56 -9.83
C GLY A 86 17.43 2.12 -9.43
N ILE A 87 16.92 1.65 -8.27
CA ILE A 87 17.21 0.26 -7.95
C ILE A 87 16.37 -0.65 -8.81
N LYS A 88 16.98 -1.58 -9.53
CA LYS A 88 16.27 -2.51 -10.40
C LYS A 88 15.75 -3.67 -9.59
N GLY A 89 14.65 -3.42 -8.89
CA GLY A 89 14.18 -4.36 -7.88
C GLY A 89 12.84 -5.00 -8.15
N LEU A 90 12.13 -4.56 -9.19
CA LEU A 90 10.77 -5.05 -9.42
C LEU A 90 10.62 -5.70 -10.78
N VAL A 91 9.69 -6.65 -10.90
CA VAL A 91 9.37 -7.27 -12.18
C VAL A 91 7.94 -6.87 -12.49
N TRP A 92 7.73 -6.21 -13.64
CA TRP A 92 6.39 -5.77 -14.02
C TRP A 92 6.29 -6.04 -15.52
N GLU A 93 5.43 -6.96 -15.92
CA GLU A 93 5.46 -7.46 -17.29
C GLU A 93 4.76 -6.52 -18.28
N GLY A 94 3.74 -5.76 -17.86
CA GLY A 94 2.82 -5.19 -18.84
C GLY A 94 3.33 -3.96 -19.55
N SER A 95 4.19 -3.17 -18.93
CA SER A 95 4.65 -1.94 -19.55
C SER A 95 6.04 -1.59 -19.09
N VAL A 96 6.79 -0.98 -20.00
CA VAL A 96 8.16 -0.51 -19.77
C VAL A 96 8.35 0.83 -20.46
N LEU A 97 8.96 1.80 -19.77
CA LEU A 97 9.23 3.09 -20.40
C LEU A 97 10.45 3.00 -21.31
N ASP A 98 10.26 3.32 -22.57
CA ASP A 98 11.36 3.42 -23.56
C ASP A 98 11.83 4.87 -23.48
N PRO A 99 13.06 5.15 -23.04
CA PRO A 99 13.47 6.55 -22.85
C PRO A 99 13.52 7.33 -24.16
N GLU A 100 13.48 6.64 -25.30
CA GLU A 100 13.45 7.34 -26.58
C GLU A 100 12.06 7.39 -27.21
N GLU A 101 11.11 6.56 -26.78
N GLU A 101 11.14 6.55 -26.81
CA GLU A 101 9.83 6.46 -27.47
CA GLU A 101 9.85 6.58 -27.44
C GLU A 101 8.60 6.48 -26.56
C GLU A 101 8.72 6.99 -26.51
N GLY A 102 8.78 6.62 -25.23
CA GLY A 102 7.64 6.76 -24.35
C GLY A 102 7.24 5.40 -23.80
N ILE A 103 6.11 5.39 -23.08
CA ILE A 103 5.70 4.12 -22.47
C ILE A 103 5.29 3.13 -23.54
N ARG A 104 5.61 1.84 -23.38
CA ARG A 104 5.15 0.80 -24.24
C ARG A 104 4.34 -0.20 -23.44
N PHE A 105 3.29 -0.76 -24.05
CA PHE A 105 2.41 -1.73 -23.44
C PHE A 105 2.69 -3.03 -24.16
N ARG A 106 3.30 -3.98 -23.44
CA ARG A 106 3.68 -5.24 -24.05
C ARG A 106 4.47 -5.00 -25.34
N GLY A 107 5.36 -4.04 -25.29
CA GLY A 107 6.24 -3.72 -26.42
C GLY A 107 5.63 -2.77 -27.44
N ARG A 108 4.36 -2.43 -27.35
CA ARG A 108 3.72 -1.57 -28.37
C ARG A 108 3.70 -0.12 -27.90
N THR A 109 3.93 0.81 -28.81
CA THR A 109 3.83 2.23 -28.47
C THR A 109 2.37 2.62 -28.43
N ILE A 110 2.12 3.83 -27.88
CA ILE A 110 0.73 4.34 -27.89
C ILE A 110 0.13 4.35 -29.30
N PRO A 111 0.81 4.88 -30.34
CA PRO A 111 0.20 4.78 -31.67
C PRO A 111 -0.05 3.36 -32.13
N GLU A 112 0.83 2.42 -31.79
CA GLU A 112 0.60 1.02 -32.13
C GLU A 112 -0.60 0.44 -31.42
N ILE A 113 -0.78 0.76 -30.13
CA ILE A 113 -1.98 0.36 -29.39
C ILE A 113 -3.24 0.91 -30.06
N GLN A 114 -3.18 2.17 -30.45
CA GLN A 114 -4.33 2.79 -31.08
C GLN A 114 -4.65 2.09 -32.39
N ARG A 115 -3.63 1.65 -33.13
CA ARG A 115 -3.91 1.01 -34.42
C ARG A 115 -4.43 -0.40 -34.22
N GLU A 116 -3.80 -1.16 -33.32
CA GLU A 116 -4.00 -2.61 -33.31
C GLU A 116 -5.09 -3.09 -32.37
N LEU A 117 -5.45 -2.36 -31.32
CA LEU A 117 -6.50 -2.87 -30.44
C LEU A 117 -7.88 -2.74 -31.07
N PRO A 118 -8.76 -3.71 -30.83
CA PRO A 118 -10.17 -3.59 -31.25
C PRO A 118 -10.82 -2.31 -30.74
N LYS A 119 -11.76 -1.80 -31.56
CA LYS A 119 -12.53 -0.61 -31.32
C LYS A 119 -14.03 -0.94 -31.25
N ALA A 120 -14.79 -0.12 -30.55
CA ALA A 120 -16.25 -0.30 -30.56
C ALA A 120 -16.77 0.00 -31.96
N GLU A 121 -17.90 -0.61 -32.32
CA GLU A 121 -18.51 -0.27 -33.59
C GLU A 121 -18.77 1.23 -33.68
N GLY A 122 -18.41 1.82 -34.81
CA GLY A 122 -18.60 3.23 -34.98
C GLY A 122 -17.48 4.12 -34.46
N SER A 123 -16.50 3.56 -33.76
CA SER A 123 -15.52 4.38 -33.08
C SER A 123 -14.10 4.09 -33.59
N THR A 124 -13.21 5.06 -33.42
CA THR A 124 -11.81 4.85 -33.70
C THR A 124 -10.94 4.69 -32.46
N GLU A 125 -11.54 4.70 -31.27
CA GLU A 125 -10.74 4.68 -30.02
C GLU A 125 -10.41 3.25 -29.60
N PRO A 126 -9.22 2.99 -29.08
CA PRO A 126 -8.90 1.65 -28.57
C PRO A 126 -9.75 1.35 -27.34
N LEU A 127 -10.25 0.11 -27.27
CA LEU A 127 -11.07 -0.28 -26.09
C LEU A 127 -10.18 -0.65 -24.90
N PRO A 128 -10.40 -0.04 -23.74
CA PRO A 128 -9.56 -0.37 -22.58
C PRO A 128 -9.64 -1.82 -22.15
N GLU A 129 -10.78 -2.49 -22.32
CA GLU A 129 -10.78 -3.91 -22.00
C GLU A 129 -9.93 -4.72 -22.98
N ALA A 130 -9.80 -4.26 -24.24
CA ALA A 130 -8.83 -4.89 -25.14
C ALA A 130 -7.42 -4.73 -24.63
N LEU A 131 -7.11 -3.58 -24.04
CA LEU A 131 -5.79 -3.42 -23.45
C LEU A 131 -5.62 -4.32 -22.24
N PHE A 132 -6.69 -4.51 -21.44
CA PHE A 132 -6.58 -5.44 -20.29
C PHE A 132 -6.16 -6.82 -20.80
N TRP A 133 -6.80 -7.28 -21.91
CA TRP A 133 -6.41 -8.55 -22.52
C TRP A 133 -4.94 -8.58 -22.90
N LEU A 134 -4.49 -7.55 -23.62
CA LEU A 134 -3.10 -7.48 -24.05
C LEU A 134 -2.15 -7.48 -22.83
N LEU A 135 -2.45 -6.68 -21.81
CA LEU A 135 -1.54 -6.63 -20.66
C LEU A 135 -1.43 -7.99 -20.00
N LEU A 136 -2.53 -8.71 -19.90
CA LEU A 136 -2.50 -9.99 -19.17
C LEU A 136 -1.83 -11.08 -20.01
N THR A 137 -2.09 -11.11 -21.34
CA THR A 137 -1.63 -12.23 -22.17
C THR A 137 -0.43 -11.90 -23.04
N GLY A 138 -0.12 -10.62 -23.27
CA GLY A 138 0.89 -10.26 -24.27
C GLY A 138 0.41 -10.38 -25.69
N GLU A 139 -0.89 -10.59 -25.90
CA GLU A 139 -1.47 -10.85 -27.24
C GLU A 139 -2.59 -9.87 -27.53
N ILE A 140 -2.80 -9.56 -28.82
CA ILE A 140 -3.90 -8.71 -29.25
C ILE A 140 -5.16 -9.58 -29.42
N PRO A 141 -6.26 -9.27 -28.75
CA PRO A 141 -7.49 -10.03 -28.93
C PRO A 141 -8.21 -9.66 -30.23
N THR A 142 -9.08 -10.58 -30.68
CA THR A 142 -9.99 -10.29 -31.80
C THR A 142 -11.18 -9.45 -31.33
N ASP A 143 -11.90 -8.86 -32.28
CA ASP A 143 -13.15 -8.16 -31.99
C ASP A 143 -14.10 -9.05 -31.19
N ALA A 144 -14.26 -10.30 -31.61
CA ALA A 144 -15.24 -11.15 -30.95
C ALA A 144 -14.81 -11.48 -29.52
N GLN A 145 -13.52 -11.71 -29.32
CA GLN A 145 -13.00 -11.94 -27.95
C GLN A 145 -13.28 -10.73 -27.07
N VAL A 146 -13.02 -9.53 -27.58
CA VAL A 146 -13.25 -8.34 -26.77
C VAL A 146 -14.74 -8.18 -26.46
N LYS A 147 -15.63 -8.41 -27.45
CA LYS A 147 -17.06 -8.26 -27.19
C LYS A 147 -17.50 -9.19 -26.06
N ALA A 148 -16.96 -10.40 -26.03
CA ALA A 148 -17.31 -11.35 -24.98
C ALA A 148 -16.73 -10.94 -23.64
N LEU A 149 -15.51 -10.41 -23.64
CA LEU A 149 -14.96 -9.89 -22.37
C LEU A 149 -15.77 -8.72 -21.87
N SER A 150 -16.15 -7.79 -22.75
CA SER A 150 -17.02 -6.67 -22.34
C SER A 150 -18.31 -7.18 -21.73
N ALA A 151 -18.93 -8.21 -22.33
CA ALA A 151 -20.17 -8.75 -21.78
C ALA A 151 -19.93 -9.38 -20.41
N ASP A 152 -18.79 -10.02 -20.21
CA ASP A 152 -18.47 -10.65 -18.91
C ASP A 152 -18.27 -9.57 -17.83
N LEU A 153 -17.55 -8.49 -18.18
CA LEU A 153 -17.38 -7.40 -17.21
C LEU A 153 -18.70 -6.77 -16.87
N ALA A 154 -19.58 -6.58 -17.88
CA ALA A 154 -20.88 -5.98 -17.60
C ALA A 154 -21.73 -6.90 -16.72
N ALA A 155 -21.62 -8.20 -16.89
CA ALA A 155 -22.39 -9.13 -16.06
C ALA A 155 -21.90 -9.13 -14.60
N ARG A 156 -20.65 -8.68 -14.37
CA ARG A 156 -20.05 -8.69 -13.03
C ARG A 156 -20.19 -7.33 -12.35
N SER A 157 -21.00 -6.44 -12.88
CA SER A 157 -21.01 -5.06 -12.43
C SER A 157 -21.89 -4.74 -11.21
N GLU A 158 -22.75 -5.66 -10.75
CA GLU A 158 -23.64 -5.30 -9.64
C GLU A 158 -22.84 -5.22 -8.32
N ILE A 159 -23.06 -4.16 -7.55
CA ILE A 159 -22.47 -4.15 -6.20
C ILE A 159 -23.49 -4.62 -5.17
N PRO A 160 -23.02 -5.24 -4.10
CA PRO A 160 -23.92 -5.70 -3.05
C PRO A 160 -24.63 -4.56 -2.35
N GLU A 161 -25.76 -4.94 -1.72
CA GLU A 161 -26.56 -3.93 -1.05
C GLU A 161 -25.78 -3.17 0.00
N HIS A 162 -24.91 -3.86 0.79
CA HIS A 162 -24.23 -3.13 1.85
C HIS A 162 -23.30 -2.05 1.28
N VAL A 163 -22.80 -2.25 0.06
CA VAL A 163 -21.90 -1.25 -0.51
C VAL A 163 -22.69 -0.09 -1.07
N ILE A 164 -23.87 -0.37 -1.65
CA ILE A 164 -24.78 0.69 -2.08
C ILE A 164 -25.16 1.56 -0.93
N GLN A 165 -25.60 0.94 0.21
CA GLN A 165 -26.01 1.76 1.33
C GLN A 165 -24.86 2.47 1.99
N LEU A 166 -23.66 1.83 2.06
CA LEU A 166 -22.55 2.53 2.68
C LEU A 166 -22.18 3.76 1.85
N LEU A 167 -22.15 3.62 0.51
CA LEU A 167 -21.80 4.77 -0.32
C LEU A 167 -22.84 5.87 -0.18
N ASP A 168 -24.13 5.50 -0.14
CA ASP A 168 -25.13 6.54 -0.09
C ASP A 168 -25.15 7.23 1.25
N SER A 169 -24.53 6.65 2.29
CA SER A 169 -24.45 7.29 3.59
C SER A 169 -23.16 8.05 3.89
N LEU A 170 -22.13 7.98 3.01
CA LEU A 170 -20.93 8.70 3.35
C LEU A 170 -21.14 10.20 3.19
N PRO A 171 -20.46 11.00 4.00
CA PRO A 171 -20.59 12.46 3.87
C PRO A 171 -20.07 12.92 2.52
N LYS A 172 -20.77 13.92 1.97
CA LYS A 172 -20.33 14.47 0.68
C LYS A 172 -18.98 15.13 0.78
N ASP A 173 -18.54 15.57 1.96
CA ASP A 173 -17.21 16.12 2.18
C ASP A 173 -16.11 15.09 2.42
N LEU A 174 -16.41 13.78 2.43
CA LEU A 174 -15.33 12.80 2.49
C LEU A 174 -14.80 12.65 1.06
N HIS A 175 -13.49 12.85 0.90
CA HIS A 175 -12.88 13.00 -0.43
C HIS A 175 -13.27 11.83 -1.31
N PRO A 176 -13.54 12.04 -2.59
CA PRO A 176 -13.90 10.93 -3.46
C PRO A 176 -12.94 9.77 -3.45
N MET A 177 -11.62 10.01 -3.33
CA MET A 177 -10.71 8.87 -3.32
C MET A 177 -10.85 8.04 -2.05
N ALA A 178 -11.16 8.67 -0.92
CA ALA A 178 -11.39 7.90 0.32
C ALA A 178 -12.68 7.08 0.20
N GLN A 179 -13.74 7.66 -0.40
CA GLN A 179 -14.94 6.86 -0.64
C GLN A 179 -14.66 5.70 -1.53
N PHE A 180 -13.83 5.92 -2.58
CA PHE A 180 -13.55 4.87 -3.53
C PHE A 180 -12.83 3.69 -2.87
N SER A 181 -11.75 3.97 -2.11
CA SER A 181 -11.08 2.85 -1.51
CA SER A 181 -11.04 2.91 -1.43
C SER A 181 -11.90 2.19 -0.40
N ILE A 182 -12.76 2.95 0.30
CA ILE A 182 -13.66 2.32 1.27
C ILE A 182 -14.58 1.34 0.57
N ALA A 183 -15.18 1.74 -0.58
CA ALA A 183 -16.10 0.85 -1.23
C ALA A 183 -15.43 -0.40 -1.76
N VAL A 184 -14.20 -0.26 -2.32
CA VAL A 184 -13.48 -1.42 -2.78
C VAL A 184 -13.15 -2.37 -1.63
N THR A 185 -12.72 -1.81 -0.49
CA THR A 185 -12.43 -2.67 0.66
C THR A 185 -13.69 -3.39 1.17
N ALA A 186 -14.82 -2.70 1.09
CA ALA A 186 -16.06 -3.32 1.58
C ALA A 186 -16.51 -4.49 0.72
N LEU A 187 -16.00 -4.67 -0.49
CA LEU A 187 -16.25 -5.87 -1.29
C LEU A 187 -15.45 -7.09 -0.85
N GLU A 188 -14.55 -6.94 0.13
CA GLU A 188 -13.73 -8.09 0.57
C GLU A 188 -14.58 -9.25 1.04
N SER A 189 -15.82 -9.00 1.51
CA SER A 189 -16.68 -10.12 1.90
C SER A 189 -17.02 -11.01 0.72
N GLU A 190 -16.84 -10.54 -0.51
CA GLU A 190 -17.09 -11.30 -1.73
C GLU A 190 -15.87 -12.05 -2.20
N SER A 191 -14.73 -11.90 -1.56
CA SER A 191 -13.49 -12.39 -2.18
C SER A 191 -13.43 -13.90 -2.33
N LYS A 192 -13.30 -14.37 -3.57
CA LYS A 192 -13.14 -15.80 -3.85
C LYS A 192 -11.75 -16.28 -3.51
N PHE A 193 -10.72 -15.42 -3.68
CA PHE A 193 -9.39 -15.83 -3.28
C PHE A 193 -9.29 -15.99 -1.77
N ALA A 194 -9.83 -15.02 -1.00
CA ALA A 194 -9.76 -15.17 0.46
C ALA A 194 -10.43 -16.44 0.93
N LYS A 195 -11.57 -16.79 0.34
CA LYS A 195 -12.26 -18.01 0.75
C LYS A 195 -11.46 -19.25 0.37
N ALA A 196 -10.91 -19.29 -0.85
CA ALA A 196 -10.09 -20.44 -1.25
C ALA A 196 -8.86 -20.58 -0.37
N TYR A 197 -8.18 -19.46 -0.05
CA TYR A 197 -7.02 -19.57 0.84
C TYR A 197 -7.42 -20.17 2.16
N ALA A 198 -8.56 -19.72 2.71
CA ALA A 198 -8.98 -20.22 4.01
C ALA A 198 -9.30 -21.71 3.95
N GLN A 199 -9.71 -22.21 2.78
CA GLN A 199 -9.92 -23.66 2.61
C GLN A 199 -8.66 -24.42 2.32
N GLY A 200 -7.52 -23.76 2.28
CA GLY A 200 -6.27 -24.46 2.11
C GLY A 200 -6.04 -24.99 0.70
N VAL A 201 -6.57 -24.30 -0.34
CA VAL A 201 -6.29 -24.73 -1.71
C VAL A 201 -4.80 -24.71 -2.05
N SER A 202 -4.44 -25.58 -3.00
CA SER A 202 -3.09 -25.63 -3.48
C SER A 202 -2.69 -24.26 -4.06
N LYS A 203 -1.41 -23.90 -3.92
CA LYS A 203 -0.91 -22.71 -4.62
C LYS A 203 -1.14 -22.76 -6.13
N LYS A 204 -1.35 -23.94 -6.72
CA LYS A 204 -1.53 -24.02 -8.19
C LYS A 204 -2.78 -23.26 -8.60
N GLU A 205 -3.73 -23.16 -7.70
CA GLU A 205 -5.05 -22.59 -7.92
C GLU A 205 -5.12 -21.10 -7.61
N TYR A 206 -4.02 -20.52 -7.10
CA TYR A 206 -4.09 -19.12 -6.66
C TYR A 206 -4.44 -18.17 -7.80
N TRP A 207 -3.77 -18.28 -8.97
CA TRP A 207 -4.08 -17.30 -10.00
C TRP A 207 -5.52 -17.36 -10.45
N SER A 208 -6.12 -18.57 -10.51
CA SER A 208 -7.48 -18.68 -10.99
C SER A 208 -8.45 -17.89 -10.11
N TYR A 209 -8.30 -18.03 -8.76
CA TYR A 209 -9.19 -17.27 -7.89
C TYR A 209 -8.84 -15.79 -7.91
N THR A 210 -7.56 -15.45 -8.05
CA THR A 210 -7.21 -14.04 -8.17
C THR A 210 -7.79 -13.45 -9.46
N PHE A 211 -7.81 -14.22 -10.56
CA PHE A 211 -8.43 -13.78 -11.81
C PHE A 211 -9.92 -13.48 -11.60
N GLU A 212 -10.67 -14.38 -10.94
CA GLU A 212 -12.09 -14.15 -10.73
C GLU A 212 -12.33 -12.90 -9.91
N ASP A 213 -11.58 -12.74 -8.80
CA ASP A 213 -11.75 -11.53 -8.00
C ASP A 213 -11.39 -10.29 -8.82
N SER A 214 -10.35 -10.40 -9.67
CA SER A 214 -9.91 -9.25 -10.42
C SER A 214 -10.98 -8.82 -11.41
N LEU A 215 -11.55 -9.77 -12.15
CA LEU A 215 -12.61 -9.38 -13.11
C LEU A 215 -13.86 -8.91 -12.39
N ASP A 216 -14.18 -9.55 -11.25
CA ASP A 216 -15.32 -9.06 -10.49
C ASP A 216 -15.09 -7.63 -10.04
N LEU A 217 -13.89 -7.35 -9.53
CA LEU A 217 -13.61 -6.01 -9.06
C LEU A 217 -13.60 -5.01 -10.21
N LEU A 218 -12.91 -5.34 -11.31
CA LEU A 218 -12.88 -4.43 -12.46
C LEU A 218 -14.31 -4.09 -12.90
N GLY A 219 -15.18 -5.13 -12.98
CA GLY A 219 -16.55 -4.92 -13.46
C GLY A 219 -17.33 -3.96 -12.56
N LYS A 220 -17.00 -3.91 -11.28
CA LYS A 220 -17.74 -3.04 -10.37
C LYS A 220 -17.18 -1.62 -10.29
N LEU A 221 -15.95 -1.34 -10.79
CA LEU A 221 -15.43 0.01 -10.55
C LEU A 221 -16.25 1.10 -11.21
N PRO A 222 -16.81 0.93 -12.43
CA PRO A 222 -17.63 2.02 -12.99
C PRO A 222 -18.84 2.36 -12.16
N VAL A 223 -19.49 1.35 -11.55
CA VAL A 223 -20.64 1.62 -10.71
C VAL A 223 -20.23 2.30 -9.42
N ILE A 224 -19.12 1.87 -8.81
CA ILE A 224 -18.68 2.53 -7.58
C ILE A 224 -18.30 3.99 -7.87
N ALA A 225 -17.43 4.20 -8.89
CA ALA A 225 -16.96 5.53 -9.15
C ALA A 225 -18.13 6.45 -9.54
N SER A 226 -19.10 5.92 -10.30
CA SER A 226 -20.21 6.74 -10.72
C SER A 226 -21.17 7.04 -9.60
N LYS A 227 -21.36 6.10 -8.65
CA LYS A 227 -22.21 6.43 -7.50
C LYS A 227 -21.58 7.54 -6.70
N ILE A 228 -20.24 7.47 -6.49
CA ILE A 228 -19.60 8.58 -5.80
C ILE A 228 -19.87 9.90 -6.55
N TYR A 229 -19.63 9.91 -7.86
CA TYR A 229 -19.84 11.16 -8.60
C TYR A 229 -21.31 11.66 -8.48
N ARG A 230 -22.27 10.76 -8.70
CA ARG A 230 -23.68 11.20 -8.64
C ARG A 230 -24.07 11.67 -7.25
N ASN A 231 -23.57 10.97 -6.18
CA ASN A 231 -23.93 11.35 -4.82
C ASN A 231 -23.27 12.64 -4.42
N VAL A 232 -21.97 12.79 -4.66
CA VAL A 232 -21.25 13.94 -4.13
C VAL A 232 -21.58 15.20 -4.92
N PHE A 233 -21.57 15.08 -6.24
CA PHE A 233 -21.66 16.24 -7.13
C PHE A 233 -23.00 16.45 -7.80
N LYS A 234 -23.87 15.43 -7.88
CA LYS A 234 -25.13 15.60 -8.62
C LYS A 234 -26.31 15.25 -7.70
N ASP A 235 -27.32 14.58 -8.22
CA ASP A 235 -28.59 14.43 -7.51
C ASP A 235 -28.74 13.04 -6.90
N GLY A 236 -27.64 12.27 -6.82
CA GLY A 236 -27.69 10.92 -6.23
C GLY A 236 -28.33 9.88 -7.09
N LYS A 237 -28.82 10.22 -8.27
CA LYS A 237 -29.59 9.29 -9.07
C LYS A 237 -28.65 8.68 -10.09
N ILE A 238 -28.74 7.38 -10.28
CA ILE A 238 -27.81 6.72 -11.20
C ILE A 238 -28.60 5.76 -12.06
N THR A 239 -28.21 5.63 -13.33
CA THR A 239 -28.75 4.65 -14.25
C THR A 239 -28.17 3.27 -13.93
N SER A 240 -28.56 2.27 -14.72
CA SER A 240 -28.07 0.92 -14.54
C SER A 240 -27.13 0.58 -15.69
N THR A 241 -26.27 -0.43 -15.46
CA THR A 241 -25.33 -0.91 -16.47
C THR A 241 -26.07 -1.44 -17.69
N ASP A 242 -25.56 -1.14 -18.88
CA ASP A 242 -26.07 -1.70 -20.12
C ASP A 242 -25.30 -3.01 -20.37
N PRO A 243 -25.96 -4.17 -20.36
CA PRO A 243 -25.26 -5.44 -20.60
C PRO A 243 -24.50 -5.52 -21.88
N ASN A 244 -24.84 -4.74 -22.91
CA ASN A 244 -24.17 -4.87 -24.19
C ASN A 244 -23.15 -3.77 -24.42
N ALA A 245 -22.94 -2.91 -23.43
CA ALA A 245 -21.99 -1.82 -23.61
C ALA A 245 -20.58 -2.24 -23.22
N ASP A 246 -19.59 -1.64 -23.89
CA ASP A 246 -18.18 -1.82 -23.45
C ASP A 246 -17.93 -0.97 -22.19
N TYR A 247 -16.74 -1.19 -21.62
CA TYR A 247 -16.42 -0.70 -20.28
C TYR A 247 -16.45 0.82 -20.15
N GLY A 248 -15.73 1.52 -21.05
CA GLY A 248 -15.74 2.98 -21.00
C GLY A 248 -17.11 3.57 -21.28
N LYS A 249 -17.88 2.92 -22.18
CA LYS A 249 -19.26 3.35 -22.42
C LYS A 249 -20.15 3.22 -21.16
N ASN A 250 -20.04 2.10 -20.42
CA ASN A 250 -20.80 2.03 -19.18
C ASN A 250 -20.32 3.09 -18.18
N LEU A 251 -18.99 3.32 -18.05
CA LEU A 251 -18.58 4.38 -17.13
C LEU A 251 -19.20 5.71 -17.52
N ALA A 252 -19.13 6.03 -18.83
CA ALA A 252 -19.65 7.34 -19.26
C ALA A 252 -21.15 7.47 -18.99
N GLN A 253 -21.93 6.42 -19.27
CA GLN A 253 -23.38 6.52 -19.09
C GLN A 253 -23.75 6.51 -17.60
N LEU A 254 -23.03 5.73 -16.77
CA LEU A 254 -23.30 5.78 -15.34
C LEU A 254 -22.98 7.15 -14.72
N LEU A 255 -21.94 7.84 -15.24
CA LEU A 255 -21.67 9.18 -14.77
C LEU A 255 -22.75 10.18 -15.21
N GLY A 256 -23.54 9.88 -16.22
N GLY A 256 -23.47 9.82 -16.29
CA GLY A 256 -24.56 10.83 -16.64
CA GLY A 256 -24.66 10.49 -16.79
C GLY A 256 -24.20 11.62 -17.87
C GLY A 256 -24.54 10.89 -18.25
N TYR A 257 -23.22 11.19 -18.65
N TYR A 257 -23.66 10.27 -19.06
CA TYR A 257 -22.80 11.83 -19.89
CA TYR A 257 -23.36 10.74 -20.43
C TYR A 257 -23.00 10.86 -21.05
C TYR A 257 -23.67 9.63 -21.41
N GLU A 258 -24.22 10.76 -21.52
N GLU A 258 -24.52 9.91 -22.39
CA GLU A 258 -24.57 9.78 -22.55
CA GLU A 258 -24.90 8.91 -23.38
C GLU A 258 -24.48 10.41 -23.94
C GLU A 258 -24.40 9.28 -24.75
N ASN A 259 -23.25 10.62 -24.42
N ASN A 259 -23.72 10.43 -24.84
CA ASN A 259 -23.02 11.06 -25.79
CA ASN A 259 -23.28 11.00 -26.11
C ASN A 259 -21.79 10.38 -26.40
C ASN A 259 -21.89 10.54 -26.44
N LYS A 260 -21.77 10.26 -27.73
CA LYS A 260 -20.72 9.48 -28.34
C LYS A 260 -19.36 10.03 -28.00
N ASP A 261 -19.19 11.35 -28.06
CA ASP A 261 -17.80 11.84 -28.00
C ASP A 261 -17.23 11.67 -26.60
N PHE A 262 -18.06 11.82 -25.57
CA PHE A 262 -17.55 11.61 -24.19
C PHE A 262 -17.33 10.15 -23.94
N ILE A 263 -18.14 9.25 -24.51
CA ILE A 263 -17.87 7.82 -24.48
C ILE A 263 -16.48 7.55 -25.05
N ASP A 264 -16.19 8.11 -26.24
CA ASP A 264 -14.87 7.96 -26.84
C ASP A 264 -13.77 8.53 -25.94
N LEU A 265 -13.99 9.66 -25.28
CA LEU A 265 -12.98 10.19 -24.38
C LEU A 265 -12.72 9.16 -23.28
N MET A 266 -13.76 8.57 -22.70
CA MET A 266 -13.51 7.61 -21.62
C MET A 266 -12.75 6.39 -22.11
N ARG A 267 -13.05 5.90 -23.31
CA ARG A 267 -12.27 4.81 -23.86
C ARG A 267 -10.79 5.18 -23.98
N LEU A 268 -10.50 6.36 -24.52
CA LEU A 268 -9.11 6.76 -24.68
C LEU A 268 -8.46 7.00 -23.32
N TYR A 269 -9.15 7.74 -22.45
CA TYR A 269 -8.59 8.10 -21.14
C TYR A 269 -8.22 6.84 -20.37
N LEU A 270 -9.14 5.88 -20.31
CA LEU A 270 -8.83 4.67 -19.52
C LEU A 270 -7.67 3.91 -20.12
N THR A 271 -7.60 3.83 -21.45
CA THR A 271 -6.52 3.14 -22.12
C THR A 271 -5.19 3.79 -21.81
N ILE A 272 -5.10 5.11 -21.92
CA ILE A 272 -3.76 5.72 -21.81
C ILE A 272 -3.27 5.84 -20.38
N HIS A 273 -4.16 5.85 -19.40
CA HIS A 273 -3.80 5.95 -17.99
C HIS A 273 -3.64 4.59 -17.32
N SER A 274 -3.86 3.51 -18.05
CA SER A 274 -3.96 2.17 -17.49
C SER A 274 -2.70 1.75 -16.74
N ASP A 275 -1.52 1.95 -17.34
CA ASP A 275 -0.32 1.34 -16.79
C ASP A 275 0.89 2.20 -17.08
N HIS A 276 1.83 2.22 -16.15
CA HIS A 276 3.09 2.91 -16.41
C HIS A 276 4.19 2.32 -15.53
N GLU A 277 4.58 1.09 -15.90
CA GLU A 277 5.62 0.33 -15.14
C GLU A 277 5.18 -0.02 -13.73
N GLY A 278 6.07 -0.66 -12.96
CA GLY A 278 5.66 -1.18 -11.67
C GLY A 278 6.21 -0.36 -10.55
N GLY A 279 7.06 0.61 -10.79
CA GLY A 279 7.61 1.40 -9.71
C GLY A 279 6.87 2.61 -9.26
N ASN A 280 5.80 3.01 -9.98
CA ASN A 280 5.00 4.11 -9.46
C ASN A 280 4.24 3.68 -8.20
N VAL A 281 3.83 4.65 -7.38
CA VAL A 281 3.36 4.28 -6.05
C VAL A 281 2.13 3.40 -6.11
N SER A 282 1.17 3.68 -7.00
CA SER A 282 -0.06 2.87 -7.00
C SER A 282 0.18 1.43 -7.47
N ALA A 283 0.97 1.23 -8.52
CA ALA A 283 1.29 -0.11 -8.98
C ALA A 283 2.12 -0.84 -7.92
N HIS A 284 3.12 -0.16 -7.36
CA HIS A 284 4.01 -0.80 -6.40
C HIS A 284 3.21 -1.17 -5.15
N THR A 285 2.36 -0.27 -4.66
CA THR A 285 1.59 -0.60 -3.46
C THR A 285 0.69 -1.79 -3.74
N THR A 286 0.00 -1.79 -4.87
CA THR A 286 -0.88 -2.93 -5.17
C THR A 286 -0.12 -4.25 -5.18
N HIS A 287 1.04 -4.27 -5.81
CA HIS A 287 1.86 -5.45 -5.84
C HIS A 287 2.36 -5.84 -4.44
N LEU A 288 2.82 -4.85 -3.67
CA LEU A 288 3.36 -5.10 -2.34
C LEU A 288 2.31 -5.73 -1.42
N VAL A 289 1.13 -5.09 -1.34
CA VAL A 289 0.05 -5.68 -0.52
C VAL A 289 -0.36 -7.02 -1.07
N GLY A 290 -0.48 -7.17 -2.39
CA GLY A 290 -0.81 -8.48 -2.95
C GLY A 290 0.22 -9.55 -2.63
N SER A 291 1.49 -9.16 -2.48
CA SER A 291 2.55 -10.15 -2.25
C SER A 291 2.40 -10.83 -0.89
N ALA A 292 1.62 -10.27 0.01
CA ALA A 292 1.32 -10.92 1.30
C ALA A 292 0.06 -11.77 1.19
N LEU A 293 -0.46 -11.90 -0.02
CA LEU A 293 -1.65 -12.67 -0.38
C LEU A 293 -2.94 -12.01 0.07
N SER A 294 -2.95 -10.70 0.33
CA SER A 294 -4.25 -10.00 0.38
C SER A 294 -4.91 -10.08 -0.99
N SER A 295 -6.24 -10.09 -0.99
CA SER A 295 -6.98 -10.29 -2.22
C SER A 295 -6.88 -9.07 -3.11
N PRO A 296 -7.35 -9.16 -4.34
CA PRO A 296 -7.35 -7.96 -5.19
C PRO A 296 -8.12 -6.81 -4.63
N TYR A 297 -9.16 -7.05 -3.80
CA TYR A 297 -9.89 -5.95 -3.20
C TYR A 297 -9.02 -5.16 -2.23
N LEU A 298 -8.36 -5.85 -1.28
CA LEU A 298 -7.52 -5.13 -0.34
C LEU A 298 -6.29 -4.56 -1.02
N SER A 299 -5.74 -5.26 -2.01
CA SER A 299 -4.55 -4.75 -2.74
C SER A 299 -4.87 -3.49 -3.53
N LEU A 300 -5.97 -3.51 -4.29
CA LEU A 300 -6.30 -2.30 -5.05
C LEU A 300 -6.70 -1.17 -4.12
N ALA A 301 -7.43 -1.44 -3.02
CA ALA A 301 -7.74 -0.36 -2.12
C ALA A 301 -6.48 0.31 -1.60
N ALA A 302 -5.46 -0.50 -1.23
CA ALA A 302 -4.19 0.12 -0.78
C ALA A 302 -3.55 0.95 -1.92
N GLY A 303 -3.54 0.38 -3.13
CA GLY A 303 -2.99 1.12 -4.27
C GLY A 303 -3.73 2.42 -4.53
N LEU A 304 -5.06 2.41 -4.33
CA LEU A 304 -5.81 3.65 -4.48
C LEU A 304 -5.42 4.67 -3.43
N ASN A 305 -5.06 4.23 -2.20
CA ASN A 305 -4.62 5.19 -1.18
C ASN A 305 -3.25 5.78 -1.58
N GLY A 306 -2.45 5.00 -2.30
CA GLY A 306 -1.20 5.55 -2.83
C GLY A 306 -1.47 6.54 -3.97
N LEU A 307 -2.40 6.19 -4.87
CA LEU A 307 -2.76 7.11 -5.94
C LEU A 307 -3.34 8.42 -5.38
N ALA A 308 -4.01 8.36 -4.23
CA ALA A 308 -4.55 9.56 -3.60
C ALA A 308 -3.47 10.51 -3.11
N GLY A 309 -2.22 10.06 -3.02
CA GLY A 309 -1.19 10.95 -2.52
C GLY A 309 -0.94 12.05 -3.55
N PRO A 310 -0.79 13.29 -3.05
CA PRO A 310 -0.70 14.41 -4.02
C PRO A 310 0.55 14.41 -4.84
N LEU A 311 1.59 13.65 -4.50
CA LEU A 311 2.78 13.53 -5.34
C LEU A 311 2.62 12.48 -6.41
N HIS A 312 1.50 11.76 -6.40
CA HIS A 312 1.30 10.73 -7.40
C HIS A 312 0.06 10.92 -8.24
N GLY A 313 -1.10 11.20 -7.64
CA GLY A 313 -2.29 11.15 -8.45
C GLY A 313 -3.00 12.44 -8.78
N ARG A 314 -2.41 13.63 -8.50
CA ARG A 314 -3.14 14.90 -8.67
C ARG A 314 -2.46 15.87 -9.66
N ALA A 315 -1.61 15.34 -10.50
CA ALA A 315 -0.92 16.23 -11.43
C ALA A 315 -1.88 16.84 -12.44
N ASN A 316 -2.95 16.12 -12.88
CA ASN A 316 -3.97 16.70 -13.74
C ASN A 316 -4.57 17.93 -13.08
N GLN A 317 -4.94 17.82 -11.82
CA GLN A 317 -5.57 18.94 -11.12
C GLN A 317 -4.58 20.07 -10.90
N GLU A 318 -3.34 19.75 -10.60
CA GLU A 318 -2.31 20.78 -10.41
C GLU A 318 -2.11 21.57 -11.70
N VAL A 319 -2.08 20.89 -12.85
CA VAL A 319 -2.00 21.62 -14.12
C VAL A 319 -3.24 22.50 -14.31
N LEU A 320 -4.44 21.93 -14.08
N LEU A 320 -4.46 21.96 -14.06
CA LEU A 320 -5.68 22.69 -14.24
CA LEU A 320 -5.65 22.78 -14.29
C LEU A 320 -5.64 23.98 -13.41
C LEU A 320 -5.67 24.01 -13.40
N GLU A 321 -5.27 23.87 -12.13
CA GLU A 321 -5.25 25.04 -11.25
C GLU A 321 -4.31 26.10 -11.82
N TRP A 322 -3.15 25.65 -12.31
CA TRP A 322 -2.17 26.58 -12.88
C TRP A 322 -2.74 27.23 -14.14
N LEU A 323 -3.42 26.45 -15.01
CA LEU A 323 -4.00 27.05 -16.21
C LEU A 323 -5.08 28.06 -15.84
N PHE A 324 -5.90 27.77 -14.84
CA PHE A 324 -6.98 28.72 -14.48
C PHE A 324 -6.40 30.01 -13.91
N LYS A 325 -5.31 29.92 -13.11
CA LYS A 325 -4.66 31.11 -12.58
C LYS A 325 -4.08 31.92 -13.74
N LEU A 326 -3.44 31.25 -14.69
CA LEU A 326 -2.90 31.95 -15.86
C LEU A 326 -4.01 32.64 -16.61
N ARG A 327 -5.10 31.91 -16.92
CA ARG A 327 -6.25 32.47 -17.64
C ARG A 327 -6.81 33.73 -16.96
N GLU A 328 -6.91 33.74 -15.64
CA GLU A 328 -7.41 34.95 -14.97
C GLU A 328 -6.40 36.09 -15.05
N GLU A 329 -5.12 35.77 -14.95
CA GLU A 329 -4.10 36.82 -14.97
C GLU A 329 -3.97 37.47 -16.35
N VAL A 330 -4.08 36.71 -17.45
CA VAL A 330 -3.88 37.28 -18.78
C VAL A 330 -5.20 37.67 -19.41
N LYS A 331 -6.29 37.52 -18.66
CA LYS A 331 -7.61 37.89 -19.12
C LYS A 331 -7.89 37.31 -20.51
N GLY A 332 -7.56 36.03 -20.64
CA GLY A 332 -7.91 35.27 -21.82
C GLY A 332 -7.06 35.56 -23.05
N ASP A 333 -6.03 36.42 -22.94
CA ASP A 333 -5.13 36.74 -24.08
C ASP A 333 -4.13 35.61 -24.20
N TYR A 334 -4.36 34.72 -25.16
CA TYR A 334 -3.46 33.60 -25.40
C TYR A 334 -2.51 33.83 -26.57
N SER A 335 -2.15 35.09 -26.86
CA SER A 335 -1.12 35.30 -27.86
C SER A 335 0.17 34.65 -27.42
N LYS A 336 0.95 34.20 -28.40
CA LYS A 336 2.22 33.61 -28.06
C LYS A 336 3.09 34.56 -27.23
N GLU A 337 3.09 35.86 -27.55
CA GLU A 337 3.94 36.77 -26.78
C GLU A 337 3.48 36.90 -25.33
N THR A 338 2.16 36.89 -25.07
CA THR A 338 1.69 37.03 -23.68
C THR A 338 1.98 35.76 -22.90
N ILE A 339 1.81 34.60 -23.56
CA ILE A 339 2.09 33.35 -22.86
C ILE A 339 3.58 33.21 -22.60
N GLU A 340 4.42 33.58 -23.59
CA GLU A 340 5.86 33.55 -23.39
C GLU A 340 6.26 34.45 -22.21
N LYS A 341 5.64 35.64 -22.10
CA LYS A 341 6.01 36.52 -21.00
C LYS A 341 5.55 35.92 -19.67
N TYR A 342 4.38 35.28 -19.67
CA TYR A 342 3.89 34.67 -18.42
C TYR A 342 4.81 33.56 -17.94
N LEU A 343 5.30 32.74 -18.88
CA LEU A 343 6.20 31.66 -18.53
C LEU A 343 7.54 32.19 -18.05
N TRP A 344 8.10 33.20 -18.71
CA TRP A 344 9.33 33.80 -18.20
C TRP A 344 9.08 34.41 -16.84
N ASP A 345 7.98 35.16 -16.67
CA ASP A 345 7.73 35.74 -15.33
C ASP A 345 7.62 34.67 -14.25
N THR A 346 6.89 33.57 -14.53
CA THR A 346 6.84 32.43 -13.60
C THR A 346 8.21 31.91 -13.23
N LEU A 347 9.02 31.60 -14.24
CA LEU A 347 10.31 30.98 -14.02
C LEU A 347 11.24 31.94 -13.30
N ASN A 348 11.20 33.21 -13.71
CA ASN A 348 12.09 34.20 -13.10
C ASN A 348 11.76 34.45 -11.64
N ALA A 349 10.51 34.22 -11.22
CA ALA A 349 10.08 34.33 -9.84
C ALA A 349 10.42 33.09 -9.01
N GLY A 350 10.99 32.06 -9.60
CA GLY A 350 11.30 30.85 -8.89
C GLY A 350 10.22 29.81 -8.86
N ARG A 351 9.11 30.02 -9.61
CA ARG A 351 7.98 29.08 -9.68
C ARG A 351 8.17 28.10 -10.83
N VAL A 352 7.45 26.97 -10.75
CA VAL A 352 7.60 25.91 -11.77
C VAL A 352 6.44 25.95 -12.75
N VAL A 353 6.68 25.36 -13.91
CA VAL A 353 5.64 25.12 -14.92
C VAL A 353 5.21 23.67 -14.75
N PRO A 354 4.03 23.38 -14.19
CA PRO A 354 3.65 21.99 -13.94
C PRO A 354 3.41 21.24 -15.22
N GLY A 355 3.74 19.95 -15.21
CA GLY A 355 3.41 19.06 -16.30
C GLY A 355 4.40 19.06 -17.44
N TYR A 356 5.57 19.72 -17.30
CA TYR A 356 6.60 19.75 -18.32
C TYR A 356 7.90 19.31 -17.68
N GLY A 357 8.70 18.59 -18.45
CA GLY A 357 9.99 18.14 -17.93
C GLY A 357 9.96 16.68 -17.52
N HIS A 358 10.95 15.91 -17.94
N HIS A 358 10.96 15.91 -17.97
CA HIS A 358 11.03 14.55 -17.46
CA HIS A 358 11.06 14.47 -17.74
C HIS A 358 12.47 14.23 -17.14
C HIS A 358 12.48 14.18 -17.24
N ALA A 359 12.61 13.30 -16.22
CA ALA A 359 13.94 12.88 -15.77
C ALA A 359 14.67 12.07 -16.85
N VAL A 360 13.96 11.19 -17.55
CA VAL A 360 14.58 10.32 -18.54
C VAL A 360 13.95 10.44 -19.92
N LEU A 361 12.64 10.59 -19.99
CA LEU A 361 11.99 10.58 -21.30
C LEU A 361 12.39 11.82 -22.12
N ARG A 362 12.81 11.62 -23.36
CA ARG A 362 13.49 12.66 -24.10
C ARG A 362 12.63 13.38 -25.12
N LYS A 363 11.33 13.10 -25.18
CA LYS A 363 10.47 13.85 -26.09
C LYS A 363 9.08 13.94 -25.44
N THR A 364 8.16 14.59 -26.14
CA THR A 364 6.77 14.69 -25.63
C THR A 364 6.24 13.30 -25.35
N ASP A 365 5.53 13.18 -24.23
CA ASP A 365 4.90 11.91 -23.86
C ASP A 365 3.86 11.53 -24.92
N PRO A 366 3.93 10.35 -25.53
CA PRO A 366 2.95 9.99 -26.53
C PRO A 366 1.53 9.97 -25.93
N ARG A 367 1.37 9.85 -24.60
CA ARG A 367 0.02 9.94 -24.05
C ARG A 367 -0.50 11.38 -24.11
N TYR A 368 0.40 12.39 -24.06
CA TYR A 368 -0.02 13.77 -24.34
C TYR A 368 -0.44 13.92 -25.78
N THR A 369 0.39 13.44 -26.70
CA THR A 369 0.09 13.58 -28.12
C THR A 369 -1.28 12.95 -28.44
N ALA A 370 -1.59 11.79 -27.86
CA ALA A 370 -2.88 11.16 -28.17
C ALA A 370 -4.05 12.05 -27.72
N GLN A 371 -3.90 12.71 -26.61
CA GLN A 371 -4.93 13.63 -26.15
C GLN A 371 -5.00 14.90 -27.01
N ARG A 372 -3.86 15.45 -27.46
CA ARG A 372 -3.88 16.56 -28.39
C ARG A 372 -4.60 16.17 -29.66
N GLU A 373 -4.33 14.97 -30.17
CA GLU A 373 -5.02 14.52 -31.38
C GLU A 373 -6.53 14.45 -31.15
N PHE A 374 -6.94 14.00 -29.96
CA PHE A 374 -8.37 13.96 -29.65
C PHE A 374 -8.97 15.34 -29.67
N ALA A 375 -8.29 16.31 -29.05
CA ALA A 375 -8.79 17.71 -29.05
C ALA A 375 -8.85 18.29 -30.46
N LEU A 376 -7.81 18.05 -31.26
CA LEU A 376 -7.85 18.64 -32.61
C LEU A 376 -8.97 18.03 -33.43
N LYS A 377 -9.31 16.77 -33.22
CA LYS A 377 -10.40 16.15 -33.97
C LYS A 377 -11.76 16.63 -33.51
N HIS A 378 -11.95 16.84 -32.18
CA HIS A 378 -13.29 17.12 -31.65
C HIS A 378 -13.57 18.57 -31.33
N PHE A 379 -12.61 19.37 -30.95
CA PHE A 379 -12.86 20.73 -30.51
C PHE A 379 -11.62 21.59 -30.63
N PRO A 380 -11.10 21.73 -31.86
CA PRO A 380 -9.80 22.42 -32.03
C PRO A 380 -9.76 23.84 -31.62
N ASP A 381 -10.93 24.54 -31.48
CA ASP A 381 -10.88 25.95 -31.11
C ASP A 381 -11.55 26.21 -29.78
N TYR A 382 -11.78 25.13 -28.98
CA TYR A 382 -12.21 25.35 -27.58
C TYR A 382 -11.18 26.21 -26.86
N GLU A 383 -11.63 27.23 -26.12
CA GLU A 383 -10.74 28.21 -25.59
C GLU A 383 -9.67 27.61 -24.67
N LEU A 384 -10.07 26.66 -23.78
CA LEU A 384 -9.05 26.17 -22.85
C LEU A 384 -8.06 25.30 -23.59
N PHE A 385 -8.52 24.64 -24.67
CA PHE A 385 -7.55 23.95 -25.50
C PHE A 385 -6.63 24.91 -26.24
N LYS A 386 -7.14 26.06 -26.70
CA LYS A 386 -6.22 27.03 -27.29
C LYS A 386 -5.14 27.41 -26.31
N LEU A 387 -5.49 27.60 -25.01
CA LEU A 387 -4.43 27.90 -24.03
C LEU A 387 -3.42 26.73 -23.91
N VAL A 388 -3.92 25.49 -23.74
CA VAL A 388 -3.05 24.31 -23.65
C VAL A 388 -2.15 24.24 -24.88
N SER A 389 -2.72 24.52 -26.05
CA SER A 389 -1.97 24.45 -27.31
CA SER A 389 -1.98 24.47 -27.32
C SER A 389 -0.91 25.54 -27.40
N THR A 390 -1.22 26.74 -26.92
CA THR A 390 -0.22 27.79 -26.92
C THR A 390 0.93 27.48 -25.96
N ILE A 391 0.62 26.92 -24.79
CA ILE A 391 1.71 26.45 -23.91
C ILE A 391 2.54 25.39 -24.61
N TYR A 392 1.89 24.45 -25.32
CA TYR A 392 2.66 23.42 -25.99
CA TYR A 392 2.61 23.41 -26.05
C TYR A 392 3.62 24.04 -27.00
N GLU A 393 3.21 25.10 -27.66
CA GLU A 393 4.05 25.76 -28.66
C GLU A 393 5.18 26.55 -28.03
N VAL A 394 4.92 27.25 -26.90
CA VAL A 394 5.89 28.22 -26.39
C VAL A 394 6.73 27.67 -25.24
N ALA A 395 6.16 26.80 -24.40
CA ALA A 395 6.90 26.38 -23.21
C ALA A 395 8.20 25.63 -23.47
N PRO A 396 8.29 24.72 -24.46
CA PRO A 396 9.57 23.99 -24.62
C PRO A 396 10.74 24.93 -24.86
N GLY A 397 10.56 25.92 -25.73
CA GLY A 397 11.64 26.87 -26.01
C GLY A 397 12.00 27.70 -24.79
N VAL A 398 10.99 28.23 -24.06
CA VAL A 398 11.28 29.05 -22.90
C VAL A 398 12.00 28.23 -21.84
N LEU A 399 11.48 27.03 -21.58
CA LEU A 399 12.11 26.19 -20.58
C LEU A 399 13.52 25.81 -20.96
N THR A 400 13.77 25.58 -22.26
CA THR A 400 15.13 25.30 -22.72
C THR A 400 16.05 26.49 -22.48
N LYS A 401 15.61 27.68 -22.87
CA LYS A 401 16.48 28.86 -22.72
C LYS A 401 16.71 29.19 -21.26
N HIS A 402 15.70 28.98 -20.41
CA HIS A 402 15.91 29.21 -18.99
C HIS A 402 16.95 28.25 -18.41
N GLY A 403 17.03 27.04 -18.96
CA GLY A 403 18.15 26.13 -18.72
C GLY A 403 18.12 25.31 -17.45
N LYS A 404 16.99 25.15 -16.78
CA LYS A 404 16.91 24.41 -15.53
C LYS A 404 15.95 23.23 -15.60
N THR A 405 15.50 22.83 -16.79
CA THR A 405 14.49 21.79 -16.94
C THR A 405 15.01 20.74 -17.91
N LYS A 406 15.26 19.55 -17.43
CA LYS A 406 15.69 18.49 -18.33
C LYS A 406 14.48 18.00 -19.12
N ASN A 407 14.67 17.82 -20.44
CA ASN A 407 13.64 17.31 -21.37
C ASN A 407 12.33 18.08 -21.22
N PRO A 408 12.26 19.30 -21.75
CA PRO A 408 11.22 20.28 -21.38
C PRO A 408 9.96 20.09 -22.21
N TRP A 409 9.42 18.90 -22.13
CA TRP A 409 8.30 18.46 -22.94
C TRP A 409 7.19 18.01 -22.01
N PRO A 410 5.94 18.06 -22.48
CA PRO A 410 4.83 17.76 -21.55
C PRO A 410 4.52 16.28 -21.40
N ASN A 411 3.93 15.97 -20.23
CA ASN A 411 3.44 14.61 -19.93
C ASN A 411 1.91 14.56 -20.01
N VAL A 412 1.40 13.33 -19.86
CA VAL A 412 -0.04 13.05 -19.95
C VAL A 412 -0.88 14.03 -19.12
N ASP A 413 -0.40 14.42 -17.93
CA ASP A 413 -1.24 15.23 -17.05
C ASP A 413 -1.38 16.67 -17.52
N SER A 414 -0.61 17.09 -18.51
CA SER A 414 -0.76 18.44 -19.05
C SER A 414 -1.99 18.55 -19.93
N HIS A 415 -2.57 17.41 -20.36
CA HIS A 415 -3.63 17.44 -21.38
C HIS A 415 -4.92 16.81 -20.89
N SER A 416 -4.96 16.14 -19.76
CA SER A 416 -6.18 15.40 -19.46
C SER A 416 -7.28 16.30 -18.90
N GLY A 417 -6.94 17.27 -18.08
CA GLY A 417 -7.98 18.12 -17.50
C GLY A 417 -8.77 18.91 -18.54
N VAL A 418 -8.12 19.45 -19.56
CA VAL A 418 -8.86 20.24 -20.54
C VAL A 418 -9.89 19.40 -21.24
N LEU A 419 -9.60 18.13 -21.50
CA LEU A 419 -10.57 17.24 -22.17
C LEU A 419 -11.78 16.99 -21.31
N LEU A 420 -11.58 16.76 -20.01
CA LEU A 420 -12.73 16.56 -19.12
C LEU A 420 -13.54 17.84 -19.00
N GLN A 421 -12.87 18.98 -18.88
CA GLN A 421 -13.56 20.26 -18.80
C GLN A 421 -14.49 20.49 -20.01
N TYR A 422 -14.02 20.16 -21.20
CA TYR A 422 -14.83 20.42 -22.38
C TYR A 422 -16.20 19.80 -22.22
N TYR A 423 -16.27 18.56 -21.71
CA TYR A 423 -17.49 17.77 -21.61
C TYR A 423 -18.29 18.10 -20.37
N GLY A 424 -17.81 19.02 -19.54
CA GLY A 424 -18.56 19.45 -18.36
C GLY A 424 -18.24 18.67 -17.13
N LEU A 425 -17.24 17.83 -17.15
CA LEU A 425 -16.83 17.09 -15.92
C LEU A 425 -15.76 17.96 -15.29
N THR A 426 -16.22 18.94 -14.52
CA THR A 426 -15.43 20.04 -14.01
C THR A 426 -15.02 19.89 -12.56
N GLU A 427 -15.44 18.79 -11.92
CA GLU A 427 -15.21 18.63 -10.49
C GLU A 427 -13.84 17.98 -10.32
N ALA A 428 -12.84 18.84 -10.10
CA ALA A 428 -11.45 18.37 -10.10
C ALA A 428 -11.17 17.39 -8.99
N SER A 429 -11.91 17.48 -7.86
CA SER A 429 -11.64 16.55 -6.80
C SER A 429 -12.09 15.14 -7.11
N PHE A 430 -12.75 14.91 -8.26
CA PHE A 430 -13.10 13.58 -8.69
C PHE A 430 -12.07 13.00 -9.65
N TYR A 431 -11.14 13.84 -10.17
CA TYR A 431 -10.33 13.35 -11.31
C TYR A 431 -9.45 12.13 -10.97
N THR A 432 -8.95 12.03 -9.75
CA THR A 432 -8.13 10.88 -9.44
C THR A 432 -8.97 9.62 -9.31
N VAL A 433 -10.29 9.71 -9.11
CA VAL A 433 -11.11 8.50 -9.15
C VAL A 433 -11.09 7.90 -10.55
N LEU A 434 -11.20 8.77 -11.59
CA LEU A 434 -11.12 8.28 -12.97
C LEU A 434 -9.77 7.64 -13.23
N PHE A 435 -8.71 8.29 -12.74
CA PHE A 435 -7.38 7.69 -12.88
C PHE A 435 -7.32 6.33 -12.20
N GLY A 436 -7.98 6.19 -11.03
CA GLY A 436 -7.96 4.92 -10.33
C GLY A 436 -8.71 3.81 -11.07
N VAL A 437 -9.82 4.15 -11.74
CA VAL A 437 -10.49 3.17 -12.57
C VAL A 437 -9.53 2.73 -13.66
N ALA A 438 -8.88 3.70 -14.32
CA ALA A 438 -7.94 3.32 -15.38
C ALA A 438 -6.80 2.44 -14.82
N ARG A 439 -6.24 2.84 -13.68
CA ARG A 439 -5.04 2.16 -13.18
C ARG A 439 -5.34 0.74 -12.75
N ALA A 440 -6.59 0.42 -12.38
CA ALA A 440 -6.91 -0.96 -12.11
C ALA A 440 -6.71 -1.85 -13.33
N ILE A 441 -6.89 -1.31 -14.56
CA ILE A 441 -6.62 -2.07 -15.76
C ILE A 441 -5.17 -2.52 -15.83
N GLY A 442 -4.23 -1.66 -15.38
CA GLY A 442 -2.82 -2.02 -15.40
C GLY A 442 -2.43 -2.92 -14.25
N VAL A 443 -2.94 -2.68 -13.04
CA VAL A 443 -2.35 -3.38 -11.89
C VAL A 443 -2.96 -4.75 -11.71
N LEU A 444 -4.25 -4.92 -12.06
CA LEU A 444 -4.86 -6.24 -11.81
C LEU A 444 -4.21 -7.37 -12.63
N PRO A 445 -3.80 -7.15 -13.89
CA PRO A 445 -3.11 -8.22 -14.61
C PRO A 445 -1.85 -8.63 -13.89
N GLN A 446 -1.10 -7.69 -13.30
CA GLN A 446 0.14 -8.09 -12.67
C GLN A 446 -0.14 -8.89 -11.38
N LEU A 447 -1.24 -8.63 -10.69
CA LEU A 447 -1.56 -9.47 -9.51
C LEU A 447 -1.82 -10.88 -9.95
N ILE A 448 -2.59 -11.04 -11.05
CA ILE A 448 -2.88 -12.37 -11.55
C ILE A 448 -1.59 -13.07 -11.97
N ILE A 449 -0.70 -12.36 -12.71
CA ILE A 449 0.58 -12.93 -13.12
C ILE A 449 1.46 -13.27 -11.92
N ASP A 450 1.53 -12.36 -10.92
CA ASP A 450 2.34 -12.64 -9.74
C ASP A 450 1.92 -13.97 -9.10
N ARG A 451 0.59 -14.19 -8.96
CA ARG A 451 0.12 -15.44 -8.39
C ARG A 451 0.38 -16.64 -9.28
N ALA A 452 0.36 -16.46 -10.60
CA ALA A 452 0.58 -17.59 -11.48
C ALA A 452 2.02 -18.04 -11.45
N VAL A 453 2.97 -17.11 -11.29
CA VAL A 453 4.41 -17.38 -11.31
C VAL A 453 4.93 -17.60 -9.90
N GLY A 454 4.12 -17.36 -8.87
CA GLY A 454 4.54 -17.57 -7.48
C GLY A 454 5.48 -16.49 -6.97
N ALA A 455 5.29 -15.25 -7.35
CA ALA A 455 6.11 -14.17 -6.83
C ALA A 455 6.03 -14.16 -5.30
N PRO A 456 7.14 -13.98 -4.62
CA PRO A 456 7.15 -14.09 -3.15
C PRO A 456 6.77 -12.78 -2.47
N ILE A 457 6.62 -12.84 -1.15
CA ILE A 457 6.36 -11.61 -0.41
C ILE A 457 7.50 -10.62 -0.61
N GLU A 458 7.16 -9.34 -0.81
CA GLU A 458 8.18 -8.31 -0.99
C GLU A 458 8.75 -7.90 0.39
N ARG A 459 10.08 -7.90 0.52
CA ARG A 459 10.69 -7.68 1.81
C ARG A 459 12.11 -7.17 1.61
N PRO A 460 12.29 -5.94 1.16
CA PRO A 460 13.61 -5.30 1.19
C PRO A 460 14.02 -5.13 2.64
N LYS A 461 15.27 -4.73 2.84
CA LYS A 461 15.83 -4.56 4.15
C LYS A 461 15.95 -3.08 4.52
N SER A 462 15.64 -2.75 5.75
CA SER A 462 15.90 -1.44 6.33
C SER A 462 17.02 -1.51 7.36
N PHE A 463 17.62 -0.33 7.53
CA PHE A 463 18.48 -0.03 8.67
C PHE A 463 18.18 1.35 9.22
N SER A 464 18.61 1.64 10.46
CA SER A 464 18.54 2.99 10.99
C SER A 464 19.75 3.80 10.44
N THR A 465 19.67 5.11 10.59
CA THR A 465 20.84 5.94 10.20
C THR A 465 22.06 5.54 11.04
N GLU A 466 21.88 5.24 12.34
CA GLU A 466 23.10 4.84 13.06
C GLU A 466 23.70 3.55 12.51
N LYS A 467 22.88 2.57 12.08
CA LYS A 467 23.46 1.39 11.53
C LYS A 467 23.99 1.59 10.10
N TYR A 468 23.31 2.41 9.29
CA TYR A 468 23.92 2.74 8.01
C TYR A 468 25.31 3.37 8.19
N LYS A 469 25.43 4.30 9.14
CA LYS A 469 26.73 4.93 9.40
C LYS A 469 27.76 3.88 9.75
N GLU A 470 27.39 2.88 10.58
CA GLU A 470 28.34 1.82 10.92
C GLU A 470 28.70 1.02 9.70
N LEU A 471 27.71 0.74 8.85
CA LEU A 471 27.96 -0.08 7.68
C LEU A 471 28.84 0.66 6.69
N VAL A 472 28.59 1.96 6.50
CA VAL A 472 29.39 2.76 5.57
C VAL A 472 30.82 2.89 6.09
N LYS A 473 30.98 3.07 7.42
CA LYS A 473 32.33 3.19 7.96
C LYS A 473 33.10 1.93 7.70
N LYS A 474 32.46 0.79 7.86
CA LYS A 474 33.08 -0.49 7.59
C LYS A 474 33.53 -0.59 6.14
N ILE A 475 32.65 -0.23 5.21
CA ILE A 475 33.00 -0.24 3.77
C ILE A 475 34.10 0.76 3.47
N GLU A 476 34.03 1.97 4.01
CA GLU A 476 34.96 2.99 3.59
C GLU A 476 36.33 2.82 4.26
N SER A 477 36.43 1.93 5.25
CA SER A 477 37.66 1.64 5.99
C SER A 477 38.43 0.49 5.37
N LYS A 478 37.70 -0.51 4.86
CA LYS A 478 38.29 -1.59 4.06
C LYS A 478 37.21 -2.44 3.39
N GLU B 42 7.62 19.92 32.15
CA GLU B 42 8.62 19.26 31.31
C GLU B 42 8.11 19.36 29.85
N GLN B 43 9.00 19.14 28.89
CA GLN B 43 8.57 19.20 27.50
C GLN B 43 7.53 18.13 27.18
N THR B 44 6.59 18.49 26.32
CA THR B 44 5.71 17.50 25.71
C THR B 44 6.46 16.75 24.61
N LEU B 45 5.82 15.70 24.09
CA LEU B 45 6.48 14.95 23.05
C LEU B 45 6.75 15.85 21.83
N LYS B 46 5.73 16.67 21.43
CA LYS B 46 5.91 17.53 20.23
C LYS B 46 7.02 18.56 20.44
N GLU B 47 7.07 19.09 21.67
CA GLU B 47 8.14 20.06 21.99
C GLU B 47 9.51 19.42 21.95
N ARG B 48 9.67 18.24 22.57
CA ARG B 48 10.96 17.58 22.52
C ARG B 48 11.36 17.25 21.10
N PHE B 49 10.41 16.70 20.32
CA PHE B 49 10.78 16.38 18.96
C PHE B 49 11.19 17.62 18.17
N ALA B 50 10.42 18.72 18.34
CA ALA B 50 10.74 19.98 17.63
C ALA B 50 12.13 20.48 17.99
N GLU B 51 12.55 20.29 19.26
CA GLU B 51 13.87 20.72 19.67
C GLU B 51 14.98 19.88 19.04
N ILE B 52 14.82 18.55 19.01
CA ILE B 52 15.90 17.66 18.61
C ILE B 52 15.97 17.36 17.12
N ILE B 53 14.85 17.45 16.40
CA ILE B 53 14.89 16.98 15.02
C ILE B 53 15.75 17.83 14.06
N PRO B 54 15.91 19.16 14.25
CA PRO B 54 16.73 19.88 13.24
C PRO B 54 18.14 19.34 13.13
N ALA B 55 18.81 19.11 14.28
CA ALA B 55 20.17 18.62 14.22
C ALA B 55 20.25 17.23 13.66
N LYS B 56 19.22 16.38 13.93
CA LYS B 56 19.26 15.03 13.35
C LYS B 56 19.05 15.05 11.84
N ALA B 57 18.16 15.95 11.37
CA ALA B 57 17.92 16.13 9.95
C ALA B 57 19.20 16.64 9.27
N GLU B 58 19.90 17.58 9.92
CA GLU B 58 21.15 18.09 9.35
C GLU B 58 22.24 17.01 9.31
N GLU B 59 22.32 16.18 10.35
CA GLU B 59 23.23 15.06 10.33
C GLU B 59 22.95 14.11 9.18
N ILE B 60 21.67 13.79 8.91
CA ILE B 60 21.38 12.91 7.79
C ILE B 60 21.73 13.59 6.47
N LYS B 61 21.48 14.89 6.36
CA LYS B 61 21.77 15.61 5.12
C LYS B 61 23.27 15.56 4.82
N LYS B 62 24.11 15.82 5.86
CA LYS B 62 25.56 15.73 5.68
C LYS B 62 25.96 14.29 5.36
N PHE B 63 25.37 13.30 6.04
CA PHE B 63 25.75 11.92 5.76
C PHE B 63 25.44 11.55 4.31
N LYS B 64 24.23 11.93 3.83
CA LYS B 64 23.88 11.68 2.43
CA LYS B 64 23.89 11.66 2.44
C LYS B 64 24.84 12.35 1.47
N LYS B 65 25.16 13.63 1.71
CA LYS B 65 26.02 14.34 0.75
C LYS B 65 27.41 13.76 0.77
N GLU B 66 27.96 13.55 1.97
CA GLU B 66 29.38 13.15 2.04
C GLU B 66 29.57 11.69 1.64
N HIS B 67 28.60 10.80 1.94
CA HIS B 67 28.82 9.40 1.69
C HIS B 67 27.80 8.78 0.75
N GLY B 68 26.97 9.61 0.14
CA GLY B 68 25.92 9.06 -0.75
C GLY B 68 26.44 8.20 -1.88
N LYS B 69 27.68 8.43 -2.35
CA LYS B 69 28.13 7.65 -3.48
C LYS B 69 28.82 6.36 -3.09
N THR B 70 28.85 6.06 -1.82
CA THR B 70 29.43 4.81 -1.39
C THR B 70 28.53 3.65 -1.74
N VAL B 71 29.09 2.60 -2.31
CA VAL B 71 28.38 1.43 -2.71
C VAL B 71 28.13 0.57 -1.48
N ILE B 72 26.86 0.29 -1.16
CA ILE B 72 26.51 -0.47 0.05
C ILE B 72 25.99 -1.86 -0.28
N GLY B 73 25.76 -2.17 -1.54
CA GLY B 73 25.44 -3.54 -1.92
C GLY B 73 25.37 -3.70 -3.41
N GLU B 74 25.10 -4.93 -3.85
CA GLU B 74 24.93 -5.30 -5.24
C GLU B 74 23.53 -5.88 -5.37
N VAL B 75 22.85 -5.61 -6.49
CA VAL B 75 21.56 -6.19 -6.76
C VAL B 75 21.80 -7.36 -7.70
N LEU B 76 21.38 -8.57 -7.26
CA LEU B 76 21.42 -9.76 -8.10
C LEU B 76 20.08 -9.94 -8.80
N LEU B 77 20.13 -10.60 -9.95
CA LEU B 77 18.88 -10.94 -10.64
C LEU B 77 17.90 -11.66 -9.71
N GLU B 78 18.39 -12.60 -8.90
CA GLU B 78 17.51 -13.32 -8.00
C GLU B 78 16.80 -12.39 -6.99
N GLN B 79 17.36 -11.22 -6.68
CA GLN B 79 16.68 -10.30 -5.75
C GLN B 79 15.51 -9.58 -6.42
N ALA B 80 15.65 -9.23 -7.71
CA ALA B 80 14.52 -8.63 -8.41
C ALA B 80 13.39 -9.62 -8.54
N TYR B 81 13.70 -10.92 -8.73
CA TYR B 81 12.72 -11.99 -8.81
C TYR B 81 12.45 -12.63 -7.44
N GLY B 82 12.92 -11.99 -6.38
CA GLY B 82 12.84 -12.57 -5.02
C GLY B 82 12.32 -11.58 -4.02
N GLY B 83 11.41 -10.70 -4.45
CA GLY B 83 10.82 -9.79 -3.51
C GLY B 83 11.76 -8.74 -2.94
N MET B 84 12.86 -8.44 -3.61
CA MET B 84 13.84 -7.47 -3.10
CA MET B 84 13.88 -7.50 -3.13
C MET B 84 14.56 -7.95 -1.83
N ARG B 85 14.51 -9.24 -1.56
CA ARG B 85 15.08 -9.78 -0.30
C ARG B 85 16.55 -9.41 -0.24
N GLY B 86 16.96 -8.78 0.87
CA GLY B 86 18.35 -8.44 1.05
C GLY B 86 18.76 -7.08 0.54
N ILE B 87 17.96 -6.41 -0.29
CA ILE B 87 18.34 -5.13 -0.81
C ILE B 87 18.26 -4.10 0.30
N LYS B 88 19.37 -3.44 0.59
CA LYS B 88 19.42 -2.40 1.62
C LYS B 88 18.89 -1.10 1.04
N GLY B 89 17.57 -1.00 1.06
CA GLY B 89 16.96 0.07 0.27
C GLY B 89 16.09 0.98 1.09
N LEU B 90 15.88 0.69 2.38
CA LEU B 90 15.00 1.47 3.22
C LEU B 90 15.69 2.02 4.46
N VAL B 91 15.25 3.18 4.93
CA VAL B 91 15.73 3.80 6.15
C VAL B 91 14.61 3.76 7.17
N TRP B 92 14.84 3.11 8.32
CA TRP B 92 13.76 3.01 9.30
C TRP B 92 14.44 3.18 10.67
N GLU B 93 14.16 4.27 11.35
CA GLU B 93 14.98 4.65 12.52
C GLU B 93 14.66 3.86 13.79
N GLY B 94 13.40 3.45 13.96
CA GLY B 94 12.99 3.05 15.29
C GLY B 94 13.42 1.66 15.73
N SER B 95 13.64 0.74 14.82
CA SER B 95 14.00 -0.63 15.19
C SER B 95 14.82 -1.30 14.13
N VAL B 96 15.70 -2.19 14.58
CA VAL B 96 16.65 -2.91 13.74
C VAL B 96 16.77 -4.29 14.34
N LEU B 97 16.71 -5.31 13.51
CA LEU B 97 16.91 -6.70 14.00
C LEU B 97 18.39 -6.98 14.24
N ASP B 98 18.72 -7.35 15.46
CA ASP B 98 20.09 -7.78 15.80
C ASP B 98 20.12 -9.30 15.63
N PRO B 99 20.87 -9.83 14.66
CA PRO B 99 20.82 -11.30 14.45
C PRO B 99 21.22 -12.10 15.66
N GLU B 100 21.88 -11.49 16.64
CA GLU B 100 22.31 -12.25 17.80
C GLU B 100 21.42 -12.03 19.01
N GLU B 101 20.57 -11.00 19.00
CA GLU B 101 19.83 -10.61 20.21
C GLU B 101 18.35 -10.32 19.97
N GLY B 102 17.89 -10.35 18.74
CA GLY B 102 16.48 -10.10 18.50
C GLY B 102 16.25 -8.65 18.11
N ILE B 103 14.97 -8.30 17.97
CA ILE B 103 14.64 -6.94 17.58
C ILE B 103 15.06 -5.97 18.67
N ARG B 104 15.67 -4.85 18.28
CA ARG B 104 15.97 -3.77 19.21
C ARG B 104 15.17 -2.53 18.85
N PHE B 105 14.66 -1.84 19.86
CA PHE B 105 13.89 -0.59 19.71
C PHE B 105 14.82 0.54 20.14
N ARG B 106 15.23 1.34 19.18
CA ARG B 106 16.23 2.41 19.43
C ARG B 106 17.38 1.85 20.26
N GLY B 107 17.89 0.71 19.80
CA GLY B 107 19.09 0.10 20.37
C GLY B 107 18.83 -0.80 21.56
N ARG B 108 17.60 -0.79 22.12
CA ARG B 108 17.33 -1.55 23.34
C ARG B 108 16.71 -2.92 23.03
N THR B 109 17.17 -3.98 23.69
CA THR B 109 16.52 -5.28 23.55
C THR B 109 15.18 -5.28 24.30
N ILE B 110 14.36 -6.32 24.07
CA ILE B 110 13.09 -6.40 24.82
C ILE B 110 13.28 -6.35 26.34
N PRO B 111 14.23 -7.09 26.94
CA PRO B 111 14.36 -6.95 28.40
C PRO B 111 14.81 -5.58 28.80
N GLU B 112 15.62 -4.91 27.97
CA GLU B 112 16.02 -3.53 28.29
C GLU B 112 14.83 -2.59 28.21
N ILE B 113 13.96 -2.77 27.21
CA ILE B 113 12.73 -1.99 27.16
C ILE B 113 11.87 -2.25 28.38
N GLN B 114 11.72 -3.53 28.79
CA GLN B 114 10.93 -3.81 29.99
C GLN B 114 11.47 -3.12 31.23
N ARG B 115 12.78 -2.99 31.34
CA ARG B 115 13.36 -2.32 32.51
C ARG B 115 13.21 -0.79 32.41
N GLU B 116 13.53 -0.23 31.22
CA GLU B 116 13.75 1.22 31.12
C GLU B 116 12.45 2.01 30.95
N LEU B 117 11.42 1.47 30.26
CA LEU B 117 10.23 2.28 30.01
C LEU B 117 9.42 2.44 31.30
N PRO B 118 8.77 3.58 31.47
CA PRO B 118 7.89 3.77 32.63
C PRO B 118 6.71 2.81 32.61
N LYS B 119 6.15 2.66 33.79
CA LYS B 119 5.10 1.71 34.11
C LYS B 119 3.92 2.43 34.71
N ALA B 120 2.72 1.91 34.49
CA ALA B 120 1.56 2.38 35.26
C ALA B 120 1.73 1.99 36.74
N GLU B 121 1.14 2.76 37.63
CA GLU B 121 1.35 2.43 39.06
C GLU B 121 0.80 1.04 39.35
N GLY B 122 1.57 0.21 40.09
CA GLY B 122 1.11 -1.12 40.40
C GLY B 122 1.35 -2.14 39.29
N SER B 123 2.06 -1.75 38.22
CA SER B 123 2.32 -2.66 37.12
C SER B 123 3.79 -2.70 36.84
N THR B 124 4.27 -3.81 36.26
CA THR B 124 5.64 -3.84 35.79
C THR B 124 5.70 -4.00 34.28
N GLU B 125 4.55 -3.81 33.58
CA GLU B 125 4.63 -3.86 32.12
C GLU B 125 5.02 -2.50 31.54
N PRO B 126 5.84 -2.54 30.51
CA PRO B 126 6.23 -1.30 29.84
C PRO B 126 5.02 -0.66 29.19
N LEU B 127 4.90 0.68 29.31
CA LEU B 127 3.71 1.34 28.69
C LEU B 127 3.92 1.56 27.20
N PRO B 128 3.00 1.11 26.36
CA PRO B 128 3.24 1.27 24.92
C PRO B 128 3.28 2.73 24.47
N GLU B 129 2.57 3.65 25.12
CA GLU B 129 2.76 5.04 24.75
C GLU B 129 4.11 5.58 25.15
N ALA B 130 4.77 4.99 26.15
CA ALA B 130 6.17 5.37 26.38
C ALA B 130 7.08 4.82 25.31
N LEU B 131 6.74 3.64 24.72
CA LEU B 131 7.53 3.17 23.57
C LEU B 131 7.33 4.09 22.36
N PHE B 132 6.11 4.59 22.16
CA PHE B 132 5.85 5.57 21.07
C PHE B 132 6.78 6.79 21.20
N TRP B 133 6.91 7.28 22.43
CA TRP B 133 7.85 8.38 22.71
C TRP B 133 9.28 8.01 22.37
N LEU B 134 9.74 6.83 22.80
CA LEU B 134 11.10 6.38 22.51
C LEU B 134 11.32 6.21 21.00
N LEU B 135 10.36 5.61 20.29
CA LEU B 135 10.58 5.38 18.86
C LEU B 135 10.71 6.70 18.13
N LEU B 136 9.91 7.69 18.53
CA LEU B 136 9.95 8.99 17.81
C LEU B 136 11.20 9.81 18.16
N THR B 137 11.63 9.80 19.43
CA THR B 137 12.69 10.72 19.85
C THR B 137 14.03 10.04 20.07
N GLY B 138 14.08 8.73 20.23
CA GLY B 138 15.26 8.05 20.76
C GLY B 138 15.49 8.24 22.24
N GLU B 139 14.56 8.78 22.98
CA GLU B 139 14.73 9.07 24.41
C GLU B 139 13.62 8.42 25.23
N ILE B 140 13.91 8.13 26.51
CA ILE B 140 12.94 7.56 27.43
C ILE B 140 12.19 8.71 28.13
N PRO B 141 10.88 8.75 28.12
CA PRO B 141 10.15 9.81 28.83
C PRO B 141 10.16 9.54 30.33
N THR B 142 9.94 10.62 31.09
CA THR B 142 9.72 10.48 32.53
C THR B 142 8.29 10.00 32.81
N ASP B 143 8.02 9.59 34.05
CA ASP B 143 6.65 9.26 34.46
C ASP B 143 5.68 10.38 34.13
N ALA B 144 6.06 11.62 34.48
CA ALA B 144 5.14 12.74 34.28
C ALA B 144 4.92 13.00 32.78
N GLN B 145 5.97 12.85 31.96
CA GLN B 145 5.78 13.03 30.50
C GLN B 145 4.81 11.99 29.97
N VAL B 146 4.99 10.73 30.36
CA VAL B 146 4.16 9.70 29.79
CA VAL B 146 4.14 9.68 29.81
C VAL B 146 2.72 9.88 30.25
N LYS B 147 2.52 10.31 31.53
CA LYS B 147 1.17 10.59 32.00
C LYS B 147 0.47 11.66 31.16
N ALA B 148 1.20 12.71 30.78
CA ALA B 148 0.59 13.75 29.96
C ALA B 148 0.33 13.25 28.54
N LEU B 149 1.23 12.41 28.01
CA LEU B 149 0.95 11.86 26.66
C LEU B 149 -0.28 10.95 26.68
N SER B 150 -0.44 10.11 27.71
CA SER B 150 -1.60 9.27 27.81
C SER B 150 -2.87 10.10 27.87
N ALA B 151 -2.84 11.21 28.67
CA ALA B 151 -4.04 12.02 28.75
C ALA B 151 -4.36 12.70 27.42
N ASP B 152 -3.33 13.09 26.67
CA ASP B 152 -3.52 13.69 25.33
C ASP B 152 -4.10 12.66 24.36
N LEU B 153 -3.59 11.43 24.39
CA LEU B 153 -4.16 10.38 23.54
C LEU B 153 -5.62 10.14 23.88
N ALA B 154 -5.94 10.06 25.19
CA ALA B 154 -7.32 9.81 25.54
C ALA B 154 -8.21 10.98 25.13
N ALA B 155 -7.69 12.20 25.20
CA ALA B 155 -8.52 13.36 24.82
C ALA B 155 -8.77 13.41 23.32
N ARG B 156 -7.96 12.74 22.52
CA ARG B 156 -8.11 12.72 21.07
C ARG B 156 -8.86 11.49 20.57
N SER B 157 -9.56 10.79 21.44
CA SER B 157 -10.06 9.47 21.04
C SER B 157 -11.47 9.44 20.50
N GLU B 158 -12.18 10.56 20.43
CA GLU B 158 -13.57 10.50 19.99
C GLU B 158 -13.63 10.30 18.48
N ILE B 159 -14.52 9.42 18.03
CA ILE B 159 -14.61 9.24 16.60
C ILE B 159 -15.86 9.95 16.06
N PRO B 160 -15.82 10.46 14.83
CA PRO B 160 -16.98 11.19 14.30
C PRO B 160 -18.20 10.31 14.08
N GLU B 161 -19.35 10.97 13.97
CA GLU B 161 -20.63 10.25 13.80
C GLU B 161 -20.68 9.44 12.53
N HIS B 162 -20.12 9.96 11.41
CA HIS B 162 -20.20 9.19 10.17
C HIS B 162 -19.41 7.91 10.25
N VAL B 163 -18.39 7.87 11.13
CA VAL B 163 -17.58 6.65 11.27
C VAL B 163 -18.27 5.66 12.23
N ILE B 164 -18.87 6.15 13.30
CA ILE B 164 -19.70 5.30 14.16
C ILE B 164 -20.81 4.67 13.36
N GLN B 165 -21.46 5.49 12.51
CA GLN B 165 -22.55 5.00 11.67
C GLN B 165 -22.08 3.98 10.71
N LEU B 166 -20.98 4.29 9.99
CA LEU B 166 -20.45 3.39 9.02
C LEU B 166 -20.14 2.05 9.69
N LEU B 167 -19.41 2.11 10.81
CA LEU B 167 -19.05 0.85 11.47
C LEU B 167 -20.26 0.05 11.88
N ASP B 168 -21.24 0.72 12.48
CA ASP B 168 -22.42 0.01 12.96
C ASP B 168 -23.19 -0.68 11.83
N SER B 169 -23.08 -0.21 10.56
CA SER B 169 -23.75 -0.78 9.41
C SER B 169 -22.96 -1.79 8.63
N LEU B 170 -21.66 -2.00 8.92
CA LEU B 170 -20.96 -2.94 8.10
C LEU B 170 -21.46 -4.36 8.42
N PRO B 171 -21.49 -5.24 7.44
CA PRO B 171 -21.97 -6.61 7.71
C PRO B 171 -21.05 -7.39 8.63
N LYS B 172 -21.65 -8.32 9.37
CA LYS B 172 -20.83 -9.10 10.27
C LYS B 172 -19.93 -10.09 9.58
N ASP B 173 -20.13 -10.44 8.38
CA ASP B 173 -19.21 -11.32 7.70
C ASP B 173 -18.11 -10.54 7.02
N LEU B 174 -18.10 -9.20 7.15
CA LEU B 174 -16.96 -8.45 6.57
C LEU B 174 -15.84 -8.49 7.59
N HIS B 175 -14.71 -9.05 7.11
CA HIS B 175 -13.63 -9.39 8.03
C HIS B 175 -13.26 -8.19 8.92
N PRO B 176 -12.90 -8.41 10.20
CA PRO B 176 -12.60 -7.28 11.06
C PRO B 176 -11.44 -6.38 10.49
N MET B 177 -10.46 -6.95 9.79
CA MET B 177 -9.40 -6.11 9.23
C MET B 177 -9.93 -5.20 8.14
N ALA B 178 -10.89 -5.66 7.33
CA ALA B 178 -11.45 -4.78 6.31
C ALA B 178 -12.25 -3.70 7.00
N GLN B 179 -13.02 -4.04 8.07
CA GLN B 179 -13.74 -3.00 8.81
C GLN B 179 -12.76 -1.97 9.38
N PHE B 180 -11.62 -2.44 9.89
CA PHE B 180 -10.65 -1.53 10.52
C PHE B 180 -10.06 -0.56 9.50
N SER B 181 -9.64 -1.06 8.34
CA SER B 181 -9.07 -0.13 7.37
CA SER B 181 -9.09 -0.17 7.32
C SER B 181 -10.12 0.80 6.80
N ILE B 182 -11.38 0.36 6.64
CA ILE B 182 -12.42 1.27 6.20
C ILE B 182 -12.59 2.39 7.18
N ALA B 183 -12.67 2.08 8.49
CA ALA B 183 -12.90 3.13 9.44
C ALA B 183 -11.75 4.13 9.50
N VAL B 184 -10.52 3.65 9.40
CA VAL B 184 -9.39 4.57 9.39
C VAL B 184 -9.43 5.47 8.16
N THR B 185 -9.76 4.91 6.98
CA THR B 185 -9.85 5.74 5.76
C THR B 185 -10.98 6.75 5.90
N ALA B 186 -12.09 6.36 6.53
CA ALA B 186 -13.19 7.30 6.72
C ALA B 186 -12.81 8.51 7.55
N LEU B 187 -11.75 8.42 8.35
CA LEU B 187 -11.29 9.58 9.12
C LEU B 187 -10.50 10.57 8.28
N GLU B 188 -10.30 10.31 6.98
CA GLU B 188 -9.49 11.23 6.17
C GLU B 188 -10.10 12.63 6.15
N SER B 189 -11.40 12.76 6.37
CA SER B 189 -12.00 14.09 6.35
C SER B 189 -11.51 14.94 7.53
N GLU B 190 -10.92 14.32 8.56
CA GLU B 190 -10.33 15.05 9.66
C GLU B 190 -8.87 15.41 9.42
N SER B 191 -8.26 14.97 8.32
CA SER B 191 -6.81 15.13 8.22
C SER B 191 -6.37 16.56 8.17
N LYS B 192 -5.55 16.92 9.17
CA LYS B 192 -4.94 18.25 9.23
C LYS B 192 -3.80 18.36 8.23
N PHE B 193 -3.08 17.26 7.95
CA PHE B 193 -2.06 17.32 6.92
C PHE B 193 -2.69 17.53 5.55
N ALA B 194 -3.79 16.83 5.23
CA ALA B 194 -4.38 17.03 3.90
C ALA B 194 -4.80 18.48 3.71
N LYS B 195 -5.42 19.07 4.74
CA LYS B 195 -5.86 20.47 4.67
C LYS B 195 -4.65 21.40 4.54
N ALA B 196 -3.57 21.15 5.28
CA ALA B 196 -2.41 22.05 5.23
C ALA B 196 -1.74 21.99 3.85
N TYR B 197 -1.65 20.78 3.27
CA TYR B 197 -1.11 20.64 1.93
C TYR B 197 -1.97 21.40 0.92
N ALA B 198 -3.30 21.28 1.03
CA ALA B 198 -4.19 22.00 0.11
C ALA B 198 -4.02 23.51 0.24
N GLN B 199 -3.69 24.01 1.44
CA GLN B 199 -3.50 25.44 1.66
C GLN B 199 -2.11 25.90 1.26
N GLY B 200 -1.26 24.98 0.81
CA GLY B 200 0.07 25.31 0.34
C GLY B 200 1.12 25.59 1.40
N VAL B 201 1.07 24.93 2.56
CA VAL B 201 2.10 25.17 3.57
C VAL B 201 3.45 24.72 3.06
N SER B 202 4.49 25.26 3.68
CA SER B 202 5.80 24.88 3.20
CA SER B 202 5.84 24.94 3.31
C SER B 202 6.18 23.52 3.77
N LYS B 203 7.14 22.89 3.08
CA LYS B 203 7.57 21.54 3.44
C LYS B 203 8.12 21.49 4.86
N LYS B 204 8.72 22.59 5.34
CA LYS B 204 9.19 22.63 6.73
C LYS B 204 8.06 22.39 7.73
N GLU B 205 6.82 22.70 7.39
CA GLU B 205 5.70 22.50 8.32
C GLU B 205 5.07 21.12 8.20
N TYR B 206 5.57 20.26 7.30
CA TYR B 206 4.83 19.00 7.04
C TYR B 206 4.83 18.13 8.28
N TRP B 207 5.97 18.02 8.97
CA TRP B 207 6.00 17.03 10.06
C TRP B 207 5.05 17.42 11.16
N SER B 208 4.85 18.72 11.42
CA SER B 208 3.97 19.15 12.50
C SER B 208 2.55 18.72 12.26
N TYR B 209 2.08 18.83 11.02
CA TYR B 209 0.72 18.39 10.74
C TYR B 209 0.65 16.86 10.72
N THR B 210 1.71 16.20 10.22
CA THR B 210 1.73 14.74 10.25
C THR B 210 1.69 14.27 11.69
N PHE B 211 2.39 14.96 12.58
CA PHE B 211 2.37 14.62 14.00
C PHE B 211 0.97 14.76 14.58
N GLU B 212 0.25 15.83 14.26
CA GLU B 212 -1.10 15.99 14.82
C GLU B 212 -2.04 14.91 14.30
N ASP B 213 -1.99 14.61 13.00
CA ASP B 213 -2.81 13.51 12.48
C ASP B 213 -2.43 12.20 13.15
N SER B 214 -1.12 11.98 13.35
CA SER B 214 -0.66 10.71 13.94
C SER B 214 -1.19 10.54 15.34
N LEU B 215 -1.13 11.60 16.18
CA LEU B 215 -1.63 11.45 17.56
C LEU B 215 -3.15 11.33 17.55
N ASP B 216 -3.86 12.07 16.69
CA ASP B 216 -5.31 11.93 16.56
C ASP B 216 -5.67 10.51 16.15
N LEU B 217 -4.95 9.94 15.17
CA LEU B 217 -5.24 8.60 14.68
C LEU B 217 -4.93 7.57 15.78
N LEU B 218 -3.75 7.64 16.36
CA LEU B 218 -3.39 6.70 17.43
C LEU B 218 -4.42 6.74 18.53
N GLY B 219 -4.89 7.93 18.90
CA GLY B 219 -5.86 8.06 19.99
C GLY B 219 -7.14 7.34 19.68
N LYS B 220 -7.54 7.37 18.40
CA LYS B 220 -8.82 6.80 18.01
C LYS B 220 -8.78 5.29 17.82
N LEU B 221 -7.60 4.68 17.64
CA LEU B 221 -7.61 3.26 17.28
C LEU B 221 -8.27 2.38 18.33
N PRO B 222 -8.08 2.58 19.65
CA PRO B 222 -8.76 1.69 20.60
C PRO B 222 -10.27 1.74 20.45
N VAL B 223 -10.82 2.93 20.17
CA VAL B 223 -12.25 3.06 20.02
C VAL B 223 -12.72 2.35 18.75
N ILE B 224 -12.00 2.51 17.62
CA ILE B 224 -12.40 1.84 16.39
C ILE B 224 -12.34 0.33 16.56
N ALA B 225 -11.19 -0.15 17.07
CA ALA B 225 -10.99 -1.58 17.19
C ALA B 225 -12.06 -2.18 18.11
N SER B 226 -12.37 -1.48 19.20
CA SER B 226 -13.32 -2.02 20.18
C SER B 226 -14.71 -1.99 19.64
N LYS B 227 -15.05 -0.96 18.81
CA LYS B 227 -16.38 -0.93 18.21
C LYS B 227 -16.57 -2.13 17.28
N ILE B 228 -15.54 -2.46 16.52
CA ILE B 228 -15.59 -3.66 15.65
C ILE B 228 -15.80 -4.90 16.51
N TYR B 229 -14.98 -5.04 17.54
CA TYR B 229 -15.10 -6.21 18.43
C TYR B 229 -16.51 -6.34 19.02
N ARG B 230 -17.00 -5.26 19.58
CA ARG B 230 -18.31 -5.33 20.26
C ARG B 230 -19.40 -5.59 19.24
N ASN B 231 -19.33 -4.97 18.04
CA ASN B 231 -20.39 -5.17 17.08
C ASN B 231 -20.38 -6.56 16.53
N VAL B 232 -19.23 -7.07 16.11
CA VAL B 232 -19.17 -8.35 15.42
C VAL B 232 -19.36 -9.51 16.41
N PHE B 233 -18.74 -9.43 17.59
CA PHE B 233 -18.63 -10.59 18.47
C PHE B 233 -19.46 -10.49 19.73
N LYS B 234 -19.98 -9.32 20.07
CA LYS B 234 -20.65 -9.12 21.38
C LYS B 234 -22.00 -8.47 21.16
N ASP B 235 -22.37 -7.47 21.96
CA ASP B 235 -23.74 -6.95 21.91
C ASP B 235 -23.80 -5.58 21.29
N GLY B 236 -22.73 -5.17 20.61
CA GLY B 236 -22.70 -3.85 20.03
C GLY B 236 -22.61 -2.71 21.00
N LYS B 237 -22.56 -2.95 22.32
CA LYS B 237 -22.51 -1.87 23.30
C LYS B 237 -21.08 -1.58 23.75
N ILE B 238 -20.73 -0.32 23.81
CA ILE B 238 -19.35 0.05 24.12
C ILE B 238 -19.33 1.07 25.24
N THR B 239 -18.36 0.92 26.17
CA THR B 239 -18.14 1.86 27.25
C THR B 239 -17.45 3.11 26.69
N SER B 240 -17.08 4.03 27.57
CA SER B 240 -16.46 5.27 27.12
C SER B 240 -15.00 5.32 27.58
N THR B 241 -14.18 6.06 26.83
CA THR B 241 -12.78 6.23 27.19
C THR B 241 -12.68 6.82 28.59
N ASP B 242 -11.77 6.30 29.41
CA ASP B 242 -11.41 6.92 30.68
C ASP B 242 -10.33 7.98 30.43
N PRO B 243 -10.59 9.26 30.66
CA PRO B 243 -9.59 10.30 30.35
C PRO B 243 -8.31 10.14 31.09
N ASN B 244 -8.30 9.40 32.21
CA ASN B 244 -7.10 9.26 33.01
C ASN B 244 -6.39 7.93 32.86
N ALA B 245 -6.87 7.07 31.96
CA ALA B 245 -6.28 5.75 31.75
C ALA B 245 -5.17 5.82 30.71
N ASP B 246 -4.22 4.90 30.83
CA ASP B 246 -3.21 4.72 29.80
C ASP B 246 -3.83 3.95 28.63
N TYR B 247 -3.06 3.92 27.53
CA TYR B 247 -3.57 3.48 26.22
C TYR B 247 -4.02 2.03 26.23
N GLY B 248 -3.16 1.11 26.70
CA GLY B 248 -3.54 -0.31 26.80
C GLY B 248 -4.72 -0.54 27.70
N LYS B 249 -4.78 0.18 28.84
CA LYS B 249 -5.93 0.06 29.71
C LYS B 249 -7.23 0.51 29.02
N ASN B 250 -7.21 1.63 28.29
CA ASN B 250 -8.43 2.00 27.57
C ASN B 250 -8.81 0.97 26.50
N LEU B 251 -7.81 0.42 25.76
CA LEU B 251 -8.10 -0.66 24.82
C LEU B 251 -8.81 -1.83 25.53
N ALA B 252 -8.20 -2.33 26.61
CA ALA B 252 -8.79 -3.47 27.30
C ALA B 252 -10.23 -3.18 27.74
N GLN B 253 -10.43 -2.03 28.40
CA GLN B 253 -11.76 -1.75 28.95
C GLN B 253 -12.77 -1.46 27.87
N LEU B 254 -12.36 -0.79 26.79
CA LEU B 254 -13.31 -0.62 25.68
C LEU B 254 -13.68 -1.94 25.00
N LEU B 255 -12.79 -2.94 24.95
CA LEU B 255 -13.17 -4.22 24.41
C LEU B 255 -14.16 -4.92 25.33
N GLY B 256 -14.19 -4.51 26.61
CA GLY B 256 -15.10 -5.10 27.59
C GLY B 256 -14.39 -5.88 28.65
N TYR B 257 -13.07 -5.77 28.80
CA TYR B 257 -12.27 -6.58 29.71
C TYR B 257 -11.75 -5.68 30.83
N GLU B 258 -12.19 -5.92 32.03
CA GLU B 258 -11.70 -5.12 33.15
C GLU B 258 -10.67 -5.85 34.00
N ASN B 259 -10.42 -7.12 33.75
CA ASN B 259 -9.44 -7.85 34.56
C ASN B 259 -8.07 -7.13 34.52
N LYS B 260 -7.47 -6.86 35.70
CA LYS B 260 -6.27 -6.08 35.77
C LYS B 260 -5.13 -6.78 35.06
N ASP B 261 -5.10 -8.13 35.08
CA ASP B 261 -4.02 -8.86 34.41
C ASP B 261 -4.20 -8.79 32.89
N PHE B 262 -5.43 -8.77 32.41
CA PHE B 262 -5.61 -8.58 30.96
C PHE B 262 -5.19 -7.17 30.53
N ILE B 263 -5.44 -6.17 31.36
CA ILE B 263 -4.93 -4.84 31.10
C ILE B 263 -3.41 -4.87 30.95
N ASP B 264 -2.72 -5.59 31.87
CA ASP B 264 -1.28 -5.73 31.73
C ASP B 264 -0.90 -6.48 30.48
N LEU B 265 -1.68 -7.51 30.11
CA LEU B 265 -1.38 -8.16 28.83
C LEU B 265 -1.50 -7.18 27.68
N MET B 266 -2.52 -6.32 27.65
CA MET B 266 -2.59 -5.38 26.50
C MET B 266 -1.39 -4.44 26.47
N ARG B 267 -0.94 -3.95 27.64
CA ARG B 267 0.24 -3.10 27.66
C ARG B 267 1.42 -3.84 27.06
N LEU B 268 1.64 -5.08 27.46
CA LEU B 268 2.79 -5.83 26.96
C LEU B 268 2.60 -6.17 25.49
N TYR B 269 1.39 -6.61 25.10
CA TYR B 269 1.15 -7.03 23.70
C TYR B 269 1.39 -5.86 22.73
N LEU B 270 0.89 -4.68 23.09
CA LEU B 270 1.07 -3.54 22.21
C LEU B 270 2.52 -3.15 22.12
N THR B 271 3.23 -3.16 23.27
CA THR B 271 4.65 -2.80 23.22
C THR B 271 5.43 -3.76 22.33
N ILE B 272 5.22 -5.08 22.48
CA ILE B 272 6.13 -5.97 21.77
C ILE B 272 5.77 -6.13 20.30
N HIS B 273 4.53 -5.86 19.90
CA HIS B 273 4.14 -6.00 18.49
C HIS B 273 4.32 -4.68 17.73
N SER B 274 4.73 -3.62 18.45
CA SER B 274 4.74 -2.27 17.88
C SER B 274 5.53 -2.15 16.57
N ASP B 275 6.75 -2.66 16.52
CA ASP B 275 7.64 -2.35 15.41
C ASP B 275 8.56 -3.52 15.15
N HIS B 276 8.93 -3.69 13.88
CA HIS B 276 9.90 -4.70 13.53
C HIS B 276 10.54 -4.34 12.18
N GLU B 277 11.38 -3.30 12.24
CA GLU B 277 12.04 -2.74 11.04
C GLU B 277 11.07 -2.18 10.00
N GLY B 278 11.62 -1.73 8.88
CA GLY B 278 10.77 -1.10 7.89
C GLY B 278 10.50 -1.96 6.69
N GLY B 279 11.08 -3.17 6.54
CA GLY B 279 10.87 -4.00 5.38
C GLY B 279 9.68 -4.95 5.47
N ASN B 280 9.03 -5.06 6.63
CA ASN B 280 7.87 -5.90 6.67
C ASN B 280 6.74 -5.18 5.92
N VAL B 281 5.76 -5.97 5.47
CA VAL B 281 4.82 -5.40 4.50
C VAL B 281 4.00 -4.26 5.09
N SER B 282 3.57 -4.34 6.34
CA SER B 282 2.76 -3.26 6.91
C SER B 282 3.56 -1.97 7.05
N ALA B 283 4.79 -2.05 7.62
CA ALA B 283 5.59 -0.82 7.77
C ALA B 283 5.96 -0.29 6.40
N HIS B 284 6.35 -1.15 5.48
CA HIS B 284 6.78 -0.68 4.18
C HIS B 284 5.61 -0.04 3.45
N THR B 285 4.42 -0.66 3.48
CA THR B 285 3.29 -0.09 2.75
C THR B 285 2.93 1.27 3.35
N THR B 286 2.92 1.39 4.68
CA THR B 286 2.62 2.67 5.30
C THR B 286 3.62 3.73 4.83
N HIS B 287 4.90 3.39 4.83
CA HIS B 287 5.92 4.33 4.40
C HIS B 287 5.77 4.68 2.91
N LEU B 288 5.54 3.68 2.04
CA LEU B 288 5.40 3.89 0.61
C LEU B 288 4.26 4.83 0.30
N VAL B 289 3.07 4.52 0.82
CA VAL B 289 1.92 5.41 0.61
C VAL B 289 2.18 6.79 1.21
N GLY B 290 2.77 6.86 2.42
CA GLY B 290 3.08 8.17 2.98
C GLY B 290 4.09 8.97 2.16
N SER B 291 4.95 8.30 1.41
CA SER B 291 5.99 8.99 0.62
C SER B 291 5.36 9.77 -0.51
N ALA B 292 4.14 9.40 -0.95
CA ALA B 292 3.42 10.20 -1.94
C ALA B 292 2.64 11.34 -1.28
N LEU B 293 2.82 11.53 0.02
CA LEU B 293 2.18 12.57 0.85
C LEU B 293 0.72 12.31 1.14
N SER B 294 0.29 11.04 1.00
CA SER B 294 -0.98 10.69 1.63
C SER B 294 -0.87 10.86 3.12
N SER B 295 -1.99 11.21 3.75
CA SER B 295 -1.98 11.49 5.19
C SER B 295 -1.76 10.22 5.99
N PRO B 296 -1.53 10.36 7.28
CA PRO B 296 -1.39 9.16 8.12
C PRO B 296 -2.63 8.28 8.08
N TYR B 297 -3.82 8.86 7.88
CA TYR B 297 -5.02 8.03 7.77
C TYR B 297 -4.96 7.11 6.55
N LEU B 298 -4.69 7.67 5.34
CA LEU B 298 -4.68 6.79 4.18
C LEU B 298 -3.47 5.89 4.20
N SER B 299 -2.35 6.35 4.77
CA SER B 299 -1.14 5.54 4.82
C SER B 299 -1.32 4.34 5.76
N LEU B 300 -1.85 4.58 6.96
CA LEU B 300 -2.07 3.46 7.87
C LEU B 300 -3.14 2.52 7.32
N ALA B 301 -4.21 3.05 6.69
CA ALA B 301 -5.20 2.14 6.14
C ALA B 301 -4.57 1.22 5.11
N ALA B 302 -3.69 1.75 4.23
CA ALA B 302 -3.02 0.88 3.29
C ALA B 302 -2.14 -0.14 4.01
N GLY B 303 -1.37 0.32 5.02
CA GLY B 303 -0.56 -0.60 5.81
C GLY B 303 -1.36 -1.72 6.47
N LEU B 304 -2.55 -1.38 6.94
CA LEU B 304 -3.44 -2.40 7.54
C LEU B 304 -3.88 -3.39 6.49
N ASN B 305 -4.14 -2.97 5.24
CA ASN B 305 -4.47 -3.94 4.22
C ASN B 305 -3.30 -4.86 3.93
N GLY B 306 -2.06 -4.38 4.09
CA GLY B 306 -0.91 -5.27 4.01
C GLY B 306 -0.84 -6.25 5.18
N LEU B 307 -1.01 -5.72 6.40
CA LEU B 307 -1.06 -6.58 7.60
C LEU B 307 -2.15 -7.64 7.48
N ALA B 308 -3.25 -7.32 6.81
CA ALA B 308 -4.33 -8.30 6.60
C ALA B 308 -3.93 -9.46 5.70
N GLY B 309 -2.81 -9.39 4.98
CA GLY B 309 -2.45 -10.46 4.09
C GLY B 309 -2.03 -11.66 4.90
N PRO B 310 -2.45 -12.85 4.53
CA PRO B 310 -2.16 -14.01 5.41
C PRO B 310 -0.72 -14.40 5.49
N LEU B 311 0.17 -13.92 4.63
CA LEU B 311 1.60 -14.19 4.81
C LEU B 311 2.25 -13.18 5.74
N HIS B 312 1.51 -12.19 6.25
CA HIS B 312 2.07 -11.18 7.15
C HIS B 312 1.37 -11.17 8.50
N GLY B 313 0.05 -11.10 8.55
CA GLY B 313 -0.57 -10.78 9.83
C GLY B 313 -1.31 -11.90 10.54
N ARG B 314 -1.26 -13.15 10.04
CA ARG B 314 -2.15 -14.19 10.56
C ARG B 314 -1.39 -15.29 11.29
N ALA B 315 -0.10 -15.13 11.55
CA ALA B 315 0.66 -16.25 12.13
C ALA B 315 0.14 -16.63 13.51
N ASN B 316 -0.33 -15.65 14.33
CA ASN B 316 -0.89 -16.00 15.65
C ASN B 316 -2.03 -17.00 15.45
N GLN B 317 -2.96 -16.68 14.54
CA GLN B 317 -4.11 -17.56 14.30
C GLN B 317 -3.67 -18.86 13.68
N GLU B 318 -2.65 -18.87 12.83
CA GLU B 318 -2.14 -20.10 12.25
C GLU B 318 -1.62 -21.02 13.35
N VAL B 319 -0.82 -20.47 14.29
CA VAL B 319 -0.35 -21.27 15.43
C VAL B 319 -1.53 -21.76 16.25
N LEU B 320 -2.46 -20.89 16.57
CA LEU B 320 -3.59 -21.32 17.40
C LEU B 320 -4.36 -22.46 16.76
N GLU B 321 -4.61 -22.39 15.45
CA GLU B 321 -5.35 -23.47 14.79
C GLU B 321 -4.59 -24.77 14.90
N TRP B 322 -3.28 -24.72 14.69
CA TRP B 322 -2.41 -25.89 14.80
C TRP B 322 -2.42 -26.44 16.24
N LEU B 323 -2.34 -25.55 17.24
CA LEU B 323 -2.38 -26.05 18.63
C LEU B 323 -3.71 -26.70 18.95
N PHE B 324 -4.82 -26.11 18.49
CA PHE B 324 -6.14 -26.68 18.77
C PHE B 324 -6.27 -28.04 18.09
N LYS B 325 -5.77 -28.16 16.86
CA LYS B 325 -5.89 -29.45 16.19
C LYS B 325 -5.05 -30.48 16.96
N LEU B 326 -3.84 -30.10 17.40
CA LEU B 326 -2.96 -30.98 18.17
C LEU B 326 -3.64 -31.39 19.46
N ARG B 327 -4.21 -30.41 20.17
CA ARG B 327 -4.79 -30.73 21.47
C ARG B 327 -5.89 -31.79 21.30
N GLU B 328 -6.70 -31.64 20.24
CA GLU B 328 -7.77 -32.62 19.99
C GLU B 328 -7.21 -33.99 19.58
N GLU B 329 -6.19 -34.00 18.80
CA GLU B 329 -5.67 -35.21 18.20
C GLU B 329 -4.89 -36.06 19.21
N VAL B 330 -4.31 -35.43 20.23
CA VAL B 330 -3.65 -36.18 21.33
C VAL B 330 -4.51 -36.28 22.57
N LYS B 331 -5.76 -35.79 22.54
CA LYS B 331 -6.67 -35.88 23.68
C LYS B 331 -6.02 -35.31 24.93
N GLY B 332 -5.28 -34.21 24.76
CA GLY B 332 -4.67 -33.53 25.90
C GLY B 332 -3.43 -34.20 26.48
N ASP B 333 -2.93 -35.27 25.87
CA ASP B 333 -1.69 -35.91 26.33
C ASP B 333 -0.48 -35.11 25.87
N TYR B 334 0.12 -34.35 26.79
CA TYR B 334 1.27 -33.51 26.46
C TYR B 334 2.59 -34.09 26.91
N SER B 335 2.65 -35.41 27.03
CA SER B 335 3.94 -36.02 27.35
C SER B 335 4.93 -35.75 26.25
N LYS B 336 6.20 -35.71 26.62
CA LYS B 336 7.22 -35.42 25.63
C LYS B 336 7.16 -36.44 24.49
N GLU B 337 6.92 -37.72 24.83
CA GLU B 337 6.85 -38.76 23.82
C GLU B 337 5.74 -38.44 22.81
N THR B 338 4.55 -38.11 23.30
CA THR B 338 3.41 -37.82 22.41
C THR B 338 3.66 -36.58 21.57
N ILE B 339 4.20 -35.51 22.17
CA ILE B 339 4.45 -34.28 21.43
C ILE B 339 5.54 -34.49 20.39
N GLU B 340 6.64 -35.15 20.76
N GLU B 340 6.64 -35.14 20.77
CA GLU B 340 7.70 -35.41 19.79
CA GLU B 340 7.70 -35.45 19.84
C GLU B 340 7.20 -36.23 18.61
C GLU B 340 7.17 -36.22 18.63
N LYS B 341 6.37 -37.26 18.89
CA LYS B 341 5.78 -38.04 17.79
C LYS B 341 4.92 -37.15 16.93
N TYR B 342 4.11 -36.29 17.56
CA TYR B 342 3.22 -35.45 16.76
C TYR B 342 4.01 -34.55 15.81
N LEU B 343 5.10 -33.99 16.29
CA LEU B 343 5.97 -33.14 15.47
C LEU B 343 6.60 -33.93 14.34
N TRP B 344 7.05 -35.17 14.62
CA TRP B 344 7.61 -35.98 13.55
C TRP B 344 6.54 -36.33 12.52
N ASP B 345 5.35 -36.68 12.98
CA ASP B 345 4.28 -37.03 12.03
C ASP B 345 3.92 -35.82 11.16
N THR B 346 3.90 -34.61 11.77
CA THR B 346 3.68 -33.37 11.01
C THR B 346 4.77 -33.19 9.95
N LEU B 347 6.01 -33.27 10.34
CA LEU B 347 7.10 -32.98 9.45
C LEU B 347 7.22 -34.04 8.35
N ASN B 348 7.02 -35.31 8.70
CA ASN B 348 7.08 -36.38 7.69
C ASN B 348 5.99 -36.20 6.63
N ALA B 349 4.86 -35.58 6.98
CA ALA B 349 3.76 -35.33 6.05
C ALA B 349 3.99 -34.10 5.18
N GLY B 350 5.18 -33.48 5.30
CA GLY B 350 5.46 -32.24 4.61
C GLY B 350 4.66 -31.04 5.10
N ARG B 351 4.17 -31.07 6.34
CA ARG B 351 3.48 -29.94 6.94
C ARG B 351 4.46 -29.16 7.84
N VAL B 352 4.10 -27.89 8.12
CA VAL B 352 5.02 -27.05 8.89
C VAL B 352 4.67 -27.13 10.36
N VAL B 353 5.66 -26.85 11.18
CA VAL B 353 5.43 -26.48 12.56
C VAL B 353 5.38 -24.96 12.58
N PRO B 354 4.20 -24.35 12.72
CA PRO B 354 4.12 -22.90 12.54
C PRO B 354 4.80 -22.16 13.69
N GLY B 355 5.37 -21.00 13.36
CA GLY B 355 5.91 -20.13 14.40
C GLY B 355 7.29 -20.45 14.88
N TYR B 356 8.00 -21.38 14.25
CA TYR B 356 9.34 -21.80 14.58
C TYR B 356 10.23 -21.67 13.36
N GLY B 357 11.45 -21.19 13.56
CA GLY B 357 12.49 -21.08 12.52
C GLY B 357 12.65 -19.65 12.05
N HIS B 358 13.89 -19.25 11.82
N HIS B 358 13.91 -19.23 11.87
CA HIS B 358 14.14 -17.92 11.31
CA HIS B 358 14.26 -17.86 11.52
C HIS B 358 15.33 -17.97 10.39
C HIS B 358 15.36 -17.96 10.44
N ALA B 359 15.30 -17.13 9.37
CA ALA B 359 16.42 -17.14 8.43
C ALA B 359 17.70 -16.62 9.04
N VAL B 360 17.59 -15.74 10.04
CA VAL B 360 18.69 -14.90 10.50
C VAL B 360 18.89 -14.98 12.01
N LEU B 361 17.80 -14.75 12.77
CA LEU B 361 17.88 -14.73 14.23
C LEU B 361 18.26 -16.10 14.77
N ARG B 362 19.31 -16.15 15.53
CA ARG B 362 19.86 -17.45 15.90
C ARG B 362 19.31 -18.00 17.20
N LYS B 363 18.48 -17.25 17.92
CA LYS B 363 17.95 -17.68 19.21
C LYS B 363 16.46 -17.37 19.27
N THR B 364 15.82 -17.86 20.34
CA THR B 364 14.41 -17.55 20.54
C THR B 364 14.17 -16.05 20.41
N ASP B 365 13.07 -15.68 19.75
CA ASP B 365 12.68 -14.28 19.65
C ASP B 365 12.41 -13.73 21.05
N PRO B 366 13.05 -12.64 21.46
CA PRO B 366 12.76 -12.10 22.81
C PRO B 366 11.31 -11.69 22.99
N ARG B 367 10.56 -11.44 21.91
CA ARG B 367 9.15 -11.17 22.08
C ARG B 367 8.38 -12.46 22.45
N TYR B 368 8.88 -13.64 22.04
CA TYR B 368 8.29 -14.88 22.57
C TYR B 368 8.61 -14.99 24.04
N THR B 369 9.88 -14.76 24.43
CA THR B 369 10.25 -14.92 25.83
C THR B 369 9.44 -14.01 26.75
N ALA B 370 9.20 -12.77 26.33
CA ALA B 370 8.44 -11.88 27.21
C ALA B 370 7.05 -12.45 27.45
N GLN B 371 6.44 -13.07 26.43
CA GLN B 371 5.09 -13.62 26.63
C GLN B 371 5.13 -14.91 27.46
N ARG B 372 6.16 -15.73 27.27
CA ARG B 372 6.35 -16.90 28.15
C ARG B 372 6.48 -16.45 29.59
N GLU B 373 7.23 -15.39 29.86
CA GLU B 373 7.39 -14.93 31.23
C GLU B 373 6.08 -14.41 31.81
N PHE B 374 5.24 -13.79 30.99
CA PHE B 374 3.93 -13.38 31.46
C PHE B 374 3.09 -14.59 31.85
N ALA B 375 3.10 -15.64 30.99
CA ALA B 375 2.28 -16.83 31.37
C ALA B 375 2.84 -17.54 32.62
N LEU B 376 4.15 -17.62 32.74
CA LEU B 376 4.71 -18.30 33.93
C LEU B 376 4.35 -17.57 35.20
N LYS B 377 4.23 -16.23 35.18
CA LYS B 377 3.92 -15.49 36.38
C LYS B 377 2.46 -15.53 36.68
N HIS B 378 1.57 -15.65 35.68
CA HIS B 378 0.13 -15.48 35.90
C HIS B 378 -0.68 -16.77 35.82
N PHE B 379 -0.28 -17.75 34.99
CA PHE B 379 -1.09 -18.96 34.84
C PHE B 379 -0.25 -20.13 34.31
N PRO B 380 0.78 -20.57 35.06
CA PRO B 380 1.72 -21.54 34.52
C PRO B 380 1.11 -22.91 34.32
N ASP B 381 -0.05 -23.14 34.91
CA ASP B 381 -0.76 -24.43 34.76
C ASP B 381 -1.95 -24.36 33.81
N TYR B 382 -2.16 -23.25 33.11
CA TYR B 382 -3.21 -23.27 32.08
C TYR B 382 -2.88 -24.35 31.04
N GLU B 383 -3.85 -25.24 30.76
CA GLU B 383 -3.51 -26.39 29.92
C GLU B 383 -2.96 -26.00 28.54
N LEU B 384 -3.50 -24.94 27.94
CA LEU B 384 -3.01 -24.59 26.61
C LEU B 384 -1.59 -24.06 26.68
N PHE B 385 -1.27 -23.39 27.84
CA PHE B 385 0.11 -22.99 28.07
C PHE B 385 1.04 -24.19 28.29
N LYS B 386 0.56 -25.22 29.02
CA LYS B 386 1.38 -26.41 29.17
C LYS B 386 1.75 -26.96 27.81
N LEU B 387 0.79 -26.96 26.87
CA LEU B 387 1.13 -27.40 25.50
C LEU B 387 2.18 -26.51 24.82
N VAL B 388 1.94 -25.19 24.81
CA VAL B 388 2.92 -24.26 24.22
C VAL B 388 4.34 -24.43 24.82
N SER B 389 4.39 -24.57 26.17
CA SER B 389 5.65 -24.71 26.85
C SER B 389 6.31 -26.05 26.54
N THR B 390 5.51 -27.13 26.43
CA THR B 390 6.13 -28.40 26.05
C THR B 390 6.64 -28.38 24.61
N ILE B 391 5.91 -27.71 23.69
CA ILE B 391 6.45 -27.58 22.34
C ILE B 391 7.77 -26.84 22.37
N TYR B 392 7.90 -25.82 23.23
CA TYR B 392 9.19 -25.11 23.28
C TYR B 392 10.33 -26.00 23.76
N GLU B 393 10.01 -26.90 24.67
CA GLU B 393 11.01 -27.82 25.18
C GLU B 393 11.42 -28.83 24.12
N VAL B 394 10.50 -29.33 23.29
N VAL B 394 10.47 -29.30 23.30
CA VAL B 394 10.86 -30.44 22.42
CA VAL B 394 10.66 -30.45 22.41
C VAL B 394 10.98 -30.08 20.92
C VAL B 394 10.98 -30.06 20.96
N ALA B 395 10.31 -29.03 20.45
CA ALA B 395 10.34 -28.77 18.99
C ALA B 395 11.71 -28.38 18.48
N PRO B 396 12.49 -27.50 19.16
CA PRO B 396 13.80 -27.18 18.59
C PRO B 396 14.66 -28.41 18.30
N GLY B 397 14.65 -29.41 19.18
CA GLY B 397 15.47 -30.57 18.97
C GLY B 397 14.98 -31.42 17.82
N VAL B 398 13.66 -31.63 17.76
CA VAL B 398 13.07 -32.37 16.61
C VAL B 398 13.35 -31.65 15.31
N LEU B 399 13.09 -30.34 15.26
CA LEU B 399 13.31 -29.60 14.02
C LEU B 399 14.77 -29.63 13.60
N THR B 400 15.70 -29.59 14.56
CA THR B 400 17.12 -29.71 14.26
C THR B 400 17.44 -31.08 13.66
N LYS B 401 16.94 -32.16 14.27
CA LYS B 401 17.23 -33.50 13.77
C LYS B 401 16.67 -33.68 12.38
N HIS B 402 15.44 -33.19 12.16
CA HIS B 402 14.83 -33.23 10.81
C HIS B 402 15.68 -32.51 9.76
N GLY B 403 16.43 -31.48 10.15
CA GLY B 403 17.47 -30.90 9.32
C GLY B 403 17.07 -29.91 8.24
N LYS B 404 15.80 -29.50 8.18
CA LYS B 404 15.34 -28.61 7.13
C LYS B 404 14.96 -27.22 7.64
N THR B 405 15.21 -26.92 8.90
CA THR B 405 14.73 -25.65 9.45
C THR B 405 15.94 -24.92 10.01
N LYS B 406 16.24 -23.76 9.47
CA LYS B 406 17.34 -23.00 10.03
C LYS B 406 16.85 -22.27 11.27
N ASN B 407 17.66 -22.31 12.33
CA ASN B 407 17.41 -21.56 13.58
C ASN B 407 16.03 -21.92 14.09
N PRO B 408 15.86 -23.12 14.55
CA PRO B 408 14.51 -23.66 14.84
C PRO B 408 13.95 -23.23 16.21
N TRP B 409 13.79 -21.92 16.37
CA TRP B 409 13.35 -21.32 17.63
C TRP B 409 12.07 -20.53 17.37
N PRO B 410 11.29 -20.26 18.41
CA PRO B 410 9.96 -19.68 18.16
C PRO B 410 9.98 -18.16 18.06
N ASN B 411 9.01 -17.63 17.35
CA ASN B 411 8.80 -16.21 17.22
C ASN B 411 7.56 -15.79 18.04
N VAL B 412 7.32 -14.46 18.05
CA VAL B 412 6.26 -13.83 18.82
C VAL B 412 4.92 -14.54 18.61
N ASP B 413 4.62 -14.95 17.37
CA ASP B 413 3.28 -15.47 17.06
C ASP B 413 3.03 -16.86 17.62
N SER B 414 4.05 -17.52 18.12
CA SER B 414 3.90 -18.82 18.77
C SER B 414 3.38 -18.66 20.17
N HIS B 415 3.38 -17.43 20.75
CA HIS B 415 2.95 -17.29 22.14
C HIS B 415 1.80 -16.32 22.36
N SER B 416 1.35 -15.57 21.33
CA SER B 416 0.36 -14.53 21.60
C SER B 416 -1.03 -15.12 21.80
N GLY B 417 -1.41 -16.10 20.96
CA GLY B 417 -2.78 -16.61 21.03
C GLY B 417 -3.13 -17.25 22.37
N VAL B 418 -2.18 -17.98 22.95
CA VAL B 418 -2.49 -18.64 24.20
C VAL B 418 -2.80 -17.62 25.28
N LEU B 419 -2.11 -16.47 25.30
CA LEU B 419 -2.39 -15.45 26.31
C LEU B 419 -3.78 -14.82 26.16
N LEU B 420 -4.17 -14.51 24.92
CA LEU B 420 -5.50 -13.98 24.64
C LEU B 420 -6.61 -14.96 25.01
N GLN B 421 -6.39 -16.24 24.68
CA GLN B 421 -7.37 -17.30 25.02
C GLN B 421 -7.61 -17.37 26.52
N TYR B 422 -6.52 -17.26 27.32
CA TYR B 422 -6.72 -17.44 28.77
C TYR B 422 -7.76 -16.47 29.30
N TYR B 423 -7.79 -15.22 28.81
CA TYR B 423 -8.67 -14.18 29.34
C TYR B 423 -10.02 -14.16 28.64
N GLY B 424 -10.26 -15.06 27.70
CA GLY B 424 -11.54 -15.14 27.03
C GLY B 424 -11.64 -14.40 25.71
N LEU B 425 -10.51 -13.84 25.23
CA LEU B 425 -10.56 -13.15 23.93
C LEU B 425 -10.21 -14.23 22.92
N THR B 426 -11.25 -15.01 22.55
CA THR B 426 -11.11 -16.23 21.78
C THR B 426 -11.47 -16.07 20.32
N GLU B 427 -11.80 -14.85 19.90
CA GLU B 427 -12.28 -14.67 18.52
C GLU B 427 -11.07 -14.42 17.61
N ALA B 428 -10.51 -15.47 17.05
CA ALA B 428 -9.19 -15.37 16.40
C ALA B 428 -9.23 -14.48 15.16
N SER B 429 -10.37 -14.36 14.50
CA SER B 429 -10.47 -13.46 13.34
C SER B 429 -10.35 -12.02 13.75
N PHE B 430 -10.35 -11.69 15.01
CA PHE B 430 -10.09 -10.35 15.47
C PHE B 430 -8.60 -10.12 15.77
N TYR B 431 -7.78 -11.16 15.85
CA TYR B 431 -6.47 -10.92 16.47
C TYR B 431 -5.59 -9.95 15.64
N THR B 432 -5.68 -9.96 14.33
CA THR B 432 -4.83 -9.05 13.56
C THR B 432 -5.25 -7.61 13.77
N VAL B 433 -6.49 -7.34 14.19
CA VAL B 433 -6.85 -5.98 14.56
C VAL B 433 -6.02 -5.51 15.73
N LEU B 434 -5.88 -6.36 16.77
CA LEU B 434 -5.01 -6.02 17.88
C LEU B 434 -3.58 -5.77 17.38
N PHE B 435 -3.08 -6.62 16.48
CA PHE B 435 -1.75 -6.39 15.93
C PHE B 435 -1.70 -5.06 15.21
N GLY B 436 -2.75 -4.70 14.50
CA GLY B 436 -2.74 -3.43 13.78
C GLY B 436 -2.71 -2.21 14.70
N VAL B 437 -3.44 -2.26 15.84
CA VAL B 437 -3.32 -1.18 16.81
C VAL B 437 -1.87 -1.07 17.30
N ALA B 438 -1.22 -2.20 17.60
CA ALA B 438 0.16 -2.15 18.05
C ALA B 438 1.06 -1.62 16.95
N ARG B 439 0.86 -2.03 15.70
CA ARG B 439 1.80 -1.66 14.66
C ARG B 439 1.69 -0.19 14.34
N ALA B 440 0.55 0.44 14.61
CA ALA B 440 0.48 1.90 14.45
C ALA B 440 1.47 2.62 15.36
N ILE B 441 1.80 2.07 16.54
CA ILE B 441 2.78 2.68 17.43
C ILE B 441 4.13 2.71 16.74
N GLY B 442 4.45 1.69 15.92
CA GLY B 442 5.75 1.66 15.25
C GLY B 442 5.77 2.50 14.00
N VAL B 443 4.70 2.45 13.17
CA VAL B 443 4.82 3.05 11.85
C VAL B 443 4.55 4.55 11.87
N LEU B 444 3.71 5.05 12.78
CA LEU B 444 3.42 6.48 12.80
C LEU B 444 4.67 7.32 13.11
N PRO B 445 5.55 6.92 14.02
CA PRO B 445 6.76 7.72 14.23
C PRO B 445 7.56 7.82 12.98
N GLN B 446 7.68 6.77 12.18
CA GLN B 446 8.48 6.87 10.99
C GLN B 446 7.85 7.80 9.97
N LEU B 447 6.53 7.89 9.87
CA LEU B 447 5.95 8.89 8.96
C LEU B 447 6.32 10.29 9.40
N ILE B 448 6.28 10.56 10.69
CA ILE B 448 6.60 11.88 11.19
C ILE B 448 8.07 12.18 10.91
N ILE B 449 8.95 11.23 11.16
CA ILE B 449 10.38 11.45 10.87
C ILE B 449 10.63 11.59 9.38
N ASP B 450 9.97 10.78 8.54
CA ASP B 450 10.14 10.90 7.08
C ASP B 450 9.79 12.31 6.62
N ARG B 451 8.71 12.89 7.13
CA ARG B 451 8.35 14.26 6.75
C ARG B 451 9.27 15.28 7.35
N ALA B 452 9.78 15.08 8.57
CA ALA B 452 10.72 16.04 9.15
C ALA B 452 12.02 16.06 8.38
N VAL B 453 12.48 14.93 7.87
CA VAL B 453 13.77 14.85 7.16
C VAL B 453 13.64 14.99 5.65
N GLY B 454 12.42 15.07 5.12
CA GLY B 454 12.16 15.20 3.69
C GLY B 454 12.39 13.98 2.85
N ALA B 455 12.06 12.77 3.35
CA ALA B 455 12.25 11.56 2.56
C ALA B 455 11.46 11.70 1.27
N PRO B 456 12.00 11.28 0.14
CA PRO B 456 11.28 11.52 -1.12
C PRO B 456 10.29 10.40 -1.44
N ILE B 457 9.55 10.58 -2.53
CA ILE B 457 8.62 9.54 -2.95
C ILE B 457 9.42 8.25 -3.21
N GLU B 458 8.87 7.09 -2.82
CA GLU B 458 9.57 5.85 -3.09
C GLU B 458 9.28 5.41 -4.51
N ARG B 459 10.30 5.09 -5.29
CA ARG B 459 10.15 4.82 -6.71
C ARG B 459 11.30 3.93 -7.20
N PRO B 460 11.31 2.63 -6.83
CA PRO B 460 12.26 1.70 -7.45
C PRO B 460 11.91 1.53 -8.90
N LYS B 461 12.79 0.88 -9.65
CA LYS B 461 12.58 0.67 -11.07
C LYS B 461 12.16 -0.74 -11.37
N SER B 462 11.17 -0.89 -12.25
CA SER B 462 10.81 -2.20 -12.76
C SER B 462 11.30 -2.41 -14.19
N PHE B 463 11.37 -3.67 -14.58
CA PHE B 463 11.46 -4.12 -15.96
C PHE B 463 10.61 -5.33 -16.18
N SER B 464 10.24 -5.63 -17.43
CA SER B 464 9.63 -6.89 -17.79
C SER B 464 10.68 -7.99 -17.86
N THR B 465 10.21 -9.23 -17.86
CA THR B 465 11.14 -10.35 -18.01
C THR B 465 11.90 -10.25 -19.32
N GLU B 466 11.22 -9.86 -20.39
CA GLU B 466 11.96 -9.68 -21.65
C GLU B 466 13.08 -8.69 -21.53
N LYS B 467 12.87 -7.60 -20.84
CA LYS B 467 13.93 -6.63 -20.72
C LYS B 467 15.02 -7.07 -19.73
N TYR B 468 14.64 -7.72 -18.61
CA TYR B 468 15.66 -8.28 -17.72
C TYR B 468 16.53 -9.28 -18.46
N LYS B 469 15.93 -10.15 -19.27
CA LYS B 469 16.77 -11.07 -20.09
C LYS B 469 17.73 -10.33 -21.00
N GLU B 470 17.28 -9.25 -21.63
CA GLU B 470 18.21 -8.51 -22.49
C GLU B 470 19.35 -7.90 -21.69
N LEU B 471 19.03 -7.32 -20.54
CA LEU B 471 20.03 -6.70 -19.69
C LEU B 471 21.03 -7.75 -19.20
N VAL B 472 20.53 -8.89 -18.77
CA VAL B 472 21.42 -9.94 -18.26
C VAL B 472 22.36 -10.43 -19.36
N LYS B 473 21.81 -10.61 -20.58
CA LYS B 473 22.63 -11.06 -21.72
C LYS B 473 23.74 -10.08 -22.01
N LYS B 474 23.43 -8.78 -21.97
CA LYS B 474 24.46 -7.77 -22.16
C LYS B 474 25.51 -7.84 -21.06
N ILE B 475 25.08 -7.99 -19.80
CA ILE B 475 26.02 -8.00 -18.69
C ILE B 475 26.97 -9.17 -18.82
N GLU B 476 26.44 -10.32 -19.15
CA GLU B 476 27.21 -11.55 -19.20
C GLU B 476 28.10 -11.62 -20.44
N SER B 477 28.10 -10.59 -21.27
CA SER B 477 28.91 -10.54 -22.51
C SER B 477 30.23 -9.78 -22.33
#